data_7UBH
#
_entry.id   7UBH
#
_entity_poly.entity_id   1
_entity_poly.type   'polypeptide(D)'
_entity_poly.pdbx_seq_one_letter_code
;(DAL)(DPR)(MLU)(DVA)(DAL)(DPR)(MLU)(DVA)
;
_entity_poly.pdbx_strand_id   A
#
# COMPACT_ATOMS: atom_id res chain seq x y z
N DAL A 1 1.13 -0.51 2.61
CA DAL A 1 1.05 0.82 3.23
CB DAL A 1 -0.17 0.88 4.17
C DAL A 1 0.92 1.87 2.17
O DAL A 1 -0.18 2.36 1.90
H1 DAL A 1 0.37 -0.83 2.08
HA DAL A 1 1.96 1.00 3.81
HB1 DAL A 1 -0.98 0.29 3.73
HB2 DAL A 1 0.10 0.47 5.14
HB3 DAL A 1 -0.49 1.92 4.28
N DPR A 2 2.04 2.22 1.54
CA DPR A 2 2.04 3.24 0.47
CB DPR A 2 3.49 3.62 0.24
CG DPR A 2 4.20 2.26 0.51
CD DPR A 2 3.42 1.73 1.74
C DPR A 2 1.19 4.41 0.88
O DPR A 2 1.57 5.18 1.76
HA DPR A 2 1.66 2.80 -0.46
HB2 DPR A 2 3.67 3.95 -0.78
HB3 DPR A 2 3.83 4.37 0.96
HG2 DPR A 2 4.08 1.59 -0.34
HG3 DPR A 2 5.26 2.41 0.75
HD2 DPR A 2 3.84 2.14 2.66
HD3 DPR A 2 3.44 0.64 1.76
N MLU A 3 0.04 4.57 0.23
CN MLU A 3 -0.96 5.61 0.43
CA MLU A 3 -0.38 3.62 -0.82
C MLU A 3 -1.83 3.29 -0.65
O MLU A 3 -2.70 4.01 -1.13
CB MLU A 3 -0.15 4.26 -2.19
CG MLU A 3 1.35 4.50 -2.41
CD1 MLU A 3 1.99 3.21 -2.92
CD2 MLU A 3 1.54 5.62 -3.43
HCN1 MLU A 3 -0.48 6.51 0.81
HCN2 MLU A 3 -1.45 5.84 -0.52
HCN3 MLU A 3 -1.71 5.27 1.15
HA MLU A 3 0.21 2.71 -0.75
HB2 MLU A 3 -0.53 3.59 -2.97
HB3 MLU A 3 -0.68 5.22 -2.24
HG MLU A 3 1.81 4.79 -1.46
HD11 MLU A 3 1.85 3.13 -4.00
HD12 MLU A 3 3.06 3.23 -2.70
HD13 MLU A 3 1.54 2.35 -2.43
HD21 MLU A 3 1.18 5.28 -4.40
HD22 MLU A 3 1.00 6.50 -3.12
HD23 MLU A 3 2.60 5.86 -3.51
N DVA A 4 -2.12 2.20 0.05
CA DVA A 4 -3.50 1.78 0.29
CB DVA A 4 -3.79 1.80 1.79
CG1 DVA A 4 -3.49 3.19 2.35
CG2 DVA A 4 -5.26 1.47 2.03
C DVA A 4 -3.68 0.37 -0.24
O DVA A 4 -4.60 0.11 -1.01
H DVA A 4 -1.38 1.67 0.42
HA DVA A 4 -4.18 2.45 -0.22
HB DVA A 4 -3.16 1.06 2.29
HG11 DVA A 4 -4.12 3.39 3.21
HG12 DVA A 4 -2.44 3.23 2.66
HG13 DVA A 4 -3.66 3.94 1.58
HG21 DVA A 4 -5.71 1.11 1.10
HG22 DVA A 4 -5.33 0.69 2.80
HG23 DVA A 4 -5.79 2.36 2.37
N DAL A 5 -2.82 -0.53 0.18
CA DAL A 5 -2.89 -1.93 -0.25
CB DAL A 5 -3.03 -2.85 0.97
C DAL A 5 -1.63 -2.30 -1.00
O DAL A 5 -0.72 -2.89 -0.44
H DAL A 5 -2.10 -0.26 0.80
HA DAL A 5 -3.75 -2.07 -0.91
HB1 DAL A 5 -2.46 -2.43 1.80
HB2 DAL A 5 -4.08 -2.91 1.25
HB3 DAL A 5 -2.65 -3.84 0.73
N DPR A 6 -1.59 -1.93 -2.28
CA DPR A 6 -0.41 -2.22 -3.13
CB DPR A 6 -0.84 -1.97 -4.56
CG DPR A 6 -1.83 -0.78 -4.38
CD DPR A 6 -2.58 -1.21 -3.09
C DPR A 6 0.04 -3.64 -2.90
O DPR A 6 -0.63 -4.59 -3.31
HA DPR A 6 0.39 -1.53 -2.89
HB2 DPR A 6 0.00 -1.67 -5.19
HB3 DPR A 6 -1.35 -2.83 -4.98
HG2 DPR A 6 -1.29 0.15 -4.22
HG3 DPR A 6 -2.50 -0.70 -5.22
HD2 DPR A 6 -3.41 -1.87 -3.35
HD3 DPR A 6 -2.95 -0.34 -2.56
N MLU A 7 1.19 -3.79 -2.24
CN MLU A 7 1.85 -5.06 -1.89
CA MLU A 7 1.96 -2.64 -1.77
C MLU A 7 2.46 -2.92 -0.37
O MLU A 7 3.52 -3.52 -0.20
CB MLU A 7 3.15 -2.41 -2.71
CG MLU A 7 2.64 -2.02 -4.09
CD1 MLU A 7 2.34 -0.52 -4.13
CD2 MLU A 7 3.71 -2.36 -5.14
HCN1 MLU A 7 1.57 -5.83 -2.62
HCN2 MLU A 7 2.93 -4.92 -1.92
HCN3 MLU A 7 1.53 -5.37 -0.90
HA MLU A 7 1.33 -1.76 -1.76
HB2 MLU A 7 3.78 -1.60 -2.31
HB3 MLU A 7 3.74 -3.32 -2.78
HG MLU A 7 1.74 -2.58 -4.31
HD11 MLU A 7 3.26 0.03 -4.31
HD12 MLU A 7 1.64 -0.31 -4.94
HD13 MLU A 7 1.90 -0.22 -3.18
HD21 MLU A 7 4.58 -1.71 -4.98
HD22 MLU A 7 4.00 -3.40 -5.04
HD23 MLU A 7 3.31 -2.19 -6.14
N DVA A 8 1.70 -2.47 0.62
CA DVA A 8 2.08 -2.67 2.02
CB DVA A 8 1.01 -3.52 2.72
CG1 DVA A 8 0.82 -4.84 1.96
CG2 DVA A 8 1.45 -3.82 4.15
C DVA A 8 2.19 -1.34 2.71
O DVA A 8 3.21 -1.03 3.33
H DVA A 8 0.88 -2.00 0.40
HA DVA A 8 3.04 -3.19 2.07
HB DVA A 8 0.07 -2.97 2.74
HG11 DVA A 8 0.51 -5.61 2.66
HG12 DVA A 8 0.05 -4.70 1.20
HG13 DVA A 8 1.75 -5.12 1.49
HG21 DVA A 8 2.32 -3.21 4.40
HG22 DVA A 8 0.63 -3.60 4.84
HG23 DVA A 8 1.72 -4.87 4.23
N DAL A 1 1.13 -0.51 2.61
CA DAL A 1 1.05 0.82 3.23
CB DAL A 1 -0.17 0.88 4.17
C DAL A 1 0.92 1.87 2.17
O DAL A 1 -0.18 2.36 1.90
H1 DAL A 1 0.37 -0.83 2.08
HA DAL A 1 1.95 1.01 3.81
HB1 DAL A 1 -0.15 0.03 4.85
HB2 DAL A 1 -0.14 1.80 4.73
HB3 DAL A 1 -1.08 0.84 3.56
N DPR A 2 2.04 2.22 1.54
CA DPR A 2 2.04 3.24 0.47
CB DPR A 2 3.49 3.62 0.24
CG DPR A 2 4.20 2.26 0.51
CD DPR A 2 3.42 1.73 1.74
C DPR A 2 1.19 4.41 0.88
O DPR A 2 1.57 5.18 1.76
HA DPR A 2 1.66 2.80 -0.46
HB2 DPR A 2 3.67 3.95 -0.78
HB3 DPR A 2 3.83 4.37 0.96
HG2 DPR A 2 4.08 1.59 -0.34
HG3 DPR A 2 5.26 2.41 0.75
HD2 DPR A 2 3.84 2.14 2.66
HD3 DPR A 2 3.44 0.64 1.76
N MLU A 3 0.04 4.57 0.23
CN MLU A 3 -0.96 5.61 0.43
CA MLU A 3 -0.38 3.62 -0.82
C MLU A 3 -1.83 3.29 -0.65
O MLU A 3 -2.70 4.02 -1.14
CB MLU A 3 -0.15 4.26 -2.19
CG MLU A 3 1.35 4.50 -2.41
CD1 MLU A 3 2.00 3.21 -2.92
CD2 MLU A 3 1.54 5.62 -3.43
HCN1 MLU A 3 -0.48 6.51 0.81
HCN2 MLU A 3 -1.45 5.84 -0.52
HCN3 MLU A 3 -1.71 5.28 1.14
HA MLU A 3 0.21 2.71 -0.75
HB2 MLU A 3 -0.52 3.60 -2.97
HB3 MLU A 3 -0.67 5.22 -2.24
HG MLU A 3 1.81 4.79 -1.46
HD11 MLU A 3 2.76 2.88 -2.21
HD12 MLU A 3 1.24 2.44 -3.02
HD13 MLU A 3 2.46 3.40 -3.89
HD21 MLU A 3 0.85 5.47 -4.26
HD22 MLU A 3 1.35 6.57 -2.96
HD23 MLU A 3 2.58 5.59 -3.80
N DVA A 4 -2.12 2.20 0.05
CA DVA A 4 -3.50 1.77 0.29
CB DVA A 4 -3.79 1.80 1.79
CG1 DVA A 4 -3.49 3.19 2.35
CG2 DVA A 4 -5.26 1.47 2.03
C DVA A 4 -3.68 0.37 -0.24
O DVA A 4 -4.60 0.11 -1.01
H DVA A 4 -1.38 1.67 0.42
HA DVA A 4 -4.18 2.45 -0.22
HB DVA A 4 -3.16 1.06 2.29
HG11 DVA A 4 -3.87 3.95 1.67
HG12 DVA A 4 -3.97 3.31 3.32
HG13 DVA A 4 -2.41 3.31 2.46
HG21 DVA A 4 -5.78 2.35 2.38
HG22 DVA A 4 -5.71 1.12 1.11
HG23 DVA A 4 -5.34 0.69 2.79
N DAL A 5 -2.82 -0.53 0.18
CA DAL A 5 -2.89 -1.93 -0.25
CB DAL A 5 -3.03 -2.85 0.97
C DAL A 5 -1.63 -2.30 -1.00
O DAL A 5 -0.72 -2.89 -0.44
H DAL A 5 -2.10 -0.27 0.81
HA DAL A 5 -3.76 -2.07 -0.90
HB1 DAL A 5 -3.86 -2.50 1.59
HB2 DAL A 5 -3.23 -3.87 0.64
HB3 DAL A 5 -2.11 -2.81 1.55
N DPR A 6 -1.59 -1.93 -2.28
CA DPR A 6 -0.41 -2.22 -3.13
CB DPR A 6 -0.84 -1.96 -4.56
CG DPR A 6 -1.83 -0.78 -4.38
CD DPR A 6 -2.59 -1.22 -3.10
C DPR A 6 0.04 -3.64 -2.90
O DPR A 6 -0.63 -4.59 -3.31
HA DPR A 6 0.39 -1.53 -2.89
HB2 DPR A 6 0.00 -1.67 -5.19
HB3 DPR A 6 -1.35 -2.83 -4.98
HG2 DPR A 6 -1.29 0.15 -4.22
HG3 DPR A 6 -2.50 -0.71 -5.23
HD2 DPR A 6 -3.41 -1.88 -3.34
HD3 DPR A 6 -2.95 -0.34 -2.56
N MLU A 7 1.18 -3.80 -2.25
CN MLU A 7 1.85 -5.06 -1.89
CA MLU A 7 1.96 -2.64 -1.77
C MLU A 7 2.46 -2.92 -0.37
O MLU A 7 3.52 -3.52 -0.20
CB MLU A 7 3.15 -2.41 -2.71
CG MLU A 7 2.64 -2.02 -4.09
CD1 MLU A 7 2.33 -0.53 -4.13
CD2 MLU A 7 3.70 -2.35 -5.14
HCN1 MLU A 7 1.57 -5.83 -2.62
HCN2 MLU A 7 2.93 -4.92 -1.92
HCN3 MLU A 7 1.53 -5.37 -0.90
HA MLU A 7 1.33 -1.76 -1.76
HB2 MLU A 7 3.77 -1.60 -2.31
HB3 MLU A 7 3.74 -3.32 -2.78
HG MLU A 7 1.74 -2.58 -4.31
HD11 MLU A 7 1.29 -0.37 -4.36
HD12 MLU A 7 2.56 -0.08 -3.16
HD13 MLU A 7 2.95 -0.05 -4.90
HD21 MLU A 7 4.68 -2.03 -4.77
HD22 MLU A 7 3.72 -3.43 -5.32
HD23 MLU A 7 3.48 -1.84 -6.08
N DVA A 8 1.70 -2.47 0.62
CA DVA A 8 2.08 -2.67 2.02
CB DVA A 8 1.01 -3.52 2.72
CG1 DVA A 8 0.82 -4.83 1.96
CG2 DVA A 8 1.45 -3.82 4.15
C DVA A 8 2.19 -1.34 2.71
O DVA A 8 3.21 -1.03 3.33
H DVA A 8 0.88 -2.00 0.40
HA DVA A 8 3.04 -3.19 2.07
HB DVA A 8 0.07 -2.97 2.74
HG11 DVA A 8 1.79 -5.23 1.66
HG12 DVA A 8 0.31 -5.55 2.61
HG13 DVA A 8 0.21 -4.65 1.07
HG21 DVA A 8 1.71 -4.87 4.24
HG22 DVA A 8 2.32 -3.21 4.40
HG23 DVA A 8 0.64 -3.58 4.84
N DAL A 1 1.13 -0.51 2.61
CA DAL A 1 1.05 0.82 3.23
CB DAL A 1 -0.17 0.88 4.17
C DAL A 1 0.92 1.87 2.17
O DAL A 1 -0.18 2.36 1.90
H1 DAL A 1 0.37 -0.83 2.08
HA DAL A 1 1.95 1.01 3.81
HB1 DAL A 1 -0.17 0.01 4.82
HB2 DAL A 1 -0.13 1.78 4.77
HB3 DAL A 1 -1.07 0.88 3.56
N DPR A 2 2.04 2.22 1.54
CA DPR A 2 2.04 3.24 0.47
CB DPR A 2 3.49 3.62 0.24
CG DPR A 2 4.20 2.26 0.51
CD DPR A 2 3.42 1.73 1.74
C DPR A 2 1.19 4.41 0.88
O DPR A 2 1.57 5.18 1.76
HA DPR A 2 1.66 2.80 -0.46
HB2 DPR A 2 3.67 3.95 -0.78
HB3 DPR A 2 3.83 4.37 0.96
HG2 DPR A 2 4.08 1.59 -0.34
HG3 DPR A 2 5.25 2.41 0.75
HD2 DPR A 2 3.84 2.14 2.66
HD3 DPR A 2 3.44 0.64 1.76
N MLU A 3 0.04 4.57 0.23
CN MLU A 3 -0.96 5.61 0.43
CA MLU A 3 -0.38 3.62 -0.82
C MLU A 3 -1.83 3.29 -0.65
O MLU A 3 -2.70 4.02 -1.14
CB MLU A 3 -0.15 4.26 -2.19
CG MLU A 3 1.35 4.49 -2.41
CD1 MLU A 3 2.00 3.21 -2.92
CD2 MLU A 3 1.54 5.62 -3.43
HCN1 MLU A 3 -0.48 6.51 0.81
HCN2 MLU A 3 -1.45 5.84 -0.52
HCN3 MLU A 3 -1.71 5.27 1.15
HA MLU A 3 0.21 2.71 -0.75
HB2 MLU A 3 -0.53 3.59 -2.97
HB3 MLU A 3 -0.68 5.22 -2.24
HG MLU A 3 1.81 4.79 -1.46
HD11 MLU A 3 1.23 2.44 -3.04
HD12 MLU A 3 2.48 3.41 -3.88
HD13 MLU A 3 2.74 2.86 -2.20
HD21 MLU A 3 0.83 6.41 -3.24
HD22 MLU A 3 2.56 6.01 -3.35
HD23 MLU A 3 1.40 5.22 -4.44
N DVA A 4 -2.12 2.20 0.05
CA DVA A 4 -3.50 1.77 0.29
CB DVA A 4 -3.79 1.80 1.79
CG1 DVA A 4 -3.50 3.20 2.35
CG2 DVA A 4 -5.25 1.44 2.04
C DVA A 4 -3.68 0.37 -0.24
O DVA A 4 -4.60 0.11 -1.01
H DVA A 4 -1.38 1.67 0.42
HA DVA A 4 -4.18 2.45 -0.22
HB DVA A 4 -3.15 1.08 2.30
HG11 DVA A 4 -2.46 3.45 2.18
HG12 DVA A 4 -4.14 3.92 1.84
HG13 DVA A 4 -3.73 3.21 3.41
HG21 DVA A 4 -5.54 1.72 3.05
HG22 DVA A 4 -5.88 1.98 1.32
HG23 DVA A 4 -5.39 0.37 1.91
N DAL A 5 -2.82 -0.53 0.18
CA DAL A 5 -2.89 -1.93 -0.25
CB DAL A 5 -3.03 -2.85 0.97
C DAL A 5 -1.63 -2.30 -1.00
O DAL A 5 -0.72 -2.89 -0.44
H DAL A 5 -2.10 -0.27 0.81
HA DAL A 5 -3.75 -2.07 -0.91
HB1 DAL A 5 -3.84 -2.47 1.61
HB2 DAL A 5 -3.27 -3.85 0.64
HB3 DAL A 5 -2.09 -2.85 1.53
N DPR A 6 -1.59 -1.93 -2.28
CA DPR A 6 -0.41 -2.22 -3.13
CB DPR A 6 -0.84 -1.98 -4.57
CG DPR A 6 -1.83 -0.78 -4.38
CD DPR A 6 -2.59 -1.22 -3.10
C DPR A 6 0.04 -3.64 -2.90
O DPR A 6 -0.63 -4.59 -3.31
HA DPR A 6 0.39 -1.53 -2.89
HB2 DPR A 6 0.00 -1.67 -5.19
HB3 DPR A 6 -1.35 -2.83 -4.98
HG2 DPR A 6 -1.29 0.15 -4.22
HG3 DPR A 6 -2.50 -0.71 -5.23
HD2 DPR A 6 -3.42 -1.88 -3.35
HD3 DPR A 6 -2.95 -0.34 -2.56
N MLU A 7 1.18 -3.80 -2.25
CN MLU A 7 1.85 -5.06 -1.89
CA MLU A 7 1.96 -2.64 -1.77
C MLU A 7 2.46 -2.92 -0.37
O MLU A 7 3.52 -3.52 -0.20
CB MLU A 7 3.15 -2.41 -2.71
CG MLU A 7 2.64 -2.02 -4.09
CD1 MLU A 7 2.34 -0.52 -4.13
CD2 MLU A 7 3.70 -2.35 -5.14
HCN1 MLU A 7 1.57 -5.83 -2.62
HCN2 MLU A 7 2.93 -4.92 -1.92
HCN3 MLU A 7 1.53 -5.37 -0.90
HA MLU A 7 1.33 -1.76 -1.76
HB2 MLU A 7 3.77 -1.60 -2.31
HB3 MLU A 7 3.74 -3.32 -2.78
HG MLU A 7 1.74 -2.58 -4.31
HD11 MLU A 7 2.59 -0.08 -3.16
HD12 MLU A 7 2.93 -0.06 -4.92
HD13 MLU A 7 1.28 -0.37 -4.33
HD21 MLU A 7 4.17 -3.31 -4.90
HD22 MLU A 7 3.25 -2.41 -6.13
HD23 MLU A 7 4.47 -1.58 -5.14
N DVA A 8 1.70 -2.47 0.62
CA DVA A 8 2.08 -2.67 2.02
CB DVA A 8 1.01 -3.52 2.72
CG1 DVA A 8 0.84 -4.84 1.97
CG2 DVA A 8 1.44 -3.79 4.16
C DVA A 8 2.19 -1.34 2.71
O DVA A 8 3.21 -1.03 3.33
H DVA A 8 0.88 -2.00 0.40
HA DVA A 8 3.04 -3.19 2.07
HB DVA A 8 0.06 -2.98 2.72
HG11 DVA A 8 0.51 -4.64 0.95
HG12 DVA A 8 1.78 -5.37 1.96
HG13 DVA A 8 0.09 -5.45 2.48
HG21 DVA A 8 0.85 -4.62 4.56
HG22 DVA A 8 2.50 -4.06 4.18
HG23 DVA A 8 1.29 -2.91 4.77
N DAL A 1 1.13 -0.51 2.61
CA DAL A 1 1.05 0.82 3.23
CB DAL A 1 -0.17 0.88 4.17
C DAL A 1 0.92 1.87 2.17
O DAL A 1 -0.18 2.36 1.90
H1 DAL A 1 0.37 -0.83 2.08
HA DAL A 1 1.95 1.01 3.81
HB1 DAL A 1 -0.49 1.91 4.28
HB2 DAL A 1 -0.98 0.29 3.73
HB3 DAL A 1 0.10 0.47 5.14
N DPR A 2 2.04 2.22 1.54
CA DPR A 2 2.04 3.24 0.47
CB DPR A 2 3.49 3.62 0.26
CG DPR A 2 4.20 2.26 0.51
CD DPR A 2 3.42 1.73 1.74
C DPR A 2 1.19 4.41 0.88
O DPR A 2 1.57 5.18 1.76
HA DPR A 2 1.66 2.80 -0.46
HB2 DPR A 2 3.67 3.95 -0.78
HB3 DPR A 2 3.83 4.37 0.96
HG2 DPR A 2 4.08 1.59 -0.34
HG3 DPR A 2 5.26 2.41 0.75
HD2 DPR A 2 3.84 2.14 2.66
HD3 DPR A 2 3.44 0.64 1.76
N MLU A 3 0.04 4.57 0.23
CN MLU A 3 -0.96 5.61 0.43
CA MLU A 3 -0.38 3.62 -0.82
C MLU A 3 -1.83 3.29 -0.65
O MLU A 3 -2.70 4.02 -1.14
CB MLU A 3 -0.15 4.26 -2.19
CG MLU A 3 1.35 4.50 -2.41
CD1 MLU A 3 2.00 3.21 -2.92
CD2 MLU A 3 1.55 5.61 -3.42
HCN1 MLU A 3 -1.71 5.28 1.14
HCN2 MLU A 3 -0.48 6.51 0.81
HCN3 MLU A 3 -1.45 5.84 -0.52
HA MLU A 3 0.21 2.71 -0.75
HB2 MLU A 3 -0.52 3.60 -2.97
HB3 MLU A 3 -0.67 5.22 -2.24
HG MLU A 3 1.81 4.78 -1.46
HD11 MLU A 3 1.24 2.44 -3.02
HD12 MLU A 3 2.46 3.40 -3.88
HD13 MLU A 3 2.76 2.87 -2.21
HD21 MLU A 3 0.82 6.41 -3.25
HD22 MLU A 3 2.56 6.02 -3.34
HD23 MLU A 3 1.41 5.21 -4.43
N DVA A 4 -2.12 2.20 0.05
CA DVA A 4 -3.50 1.77 0.29
CB DVA A 4 -3.79 1.80 1.79
CG1 DVA A 4 -3.58 3.21 2.33
CG2 DVA A 4 -5.23 1.37 2.04
C DVA A 4 -3.68 0.37 -0.24
O DVA A 4 -4.60 0.11 -1.01
H DVA A 4 -1.38 1.67 0.42
HA DVA A 4 -4.18 2.45 -0.22
HB DVA A 4 -3.11 1.11 2.30
HG11 DVA A 4 -3.85 3.94 1.56
HG12 DVA A 4 -4.20 3.36 3.21
HG13 DVA A 4 -2.53 3.35 2.60
HG21 DVA A 4 -5.88 1.78 1.26
HG22 DVA A 4 -5.30 0.28 2.02
HG23 DVA A 4 -5.57 1.75 3.00
N DAL A 5 -2.82 -0.53 0.18
CA DAL A 5 -2.89 -1.94 -0.25
CB DAL A 5 -3.03 -2.85 0.97
C DAL A 5 -1.63 -2.30 -1.00
O DAL A 5 -0.72 -2.89 -0.44
H DAL A 5 -2.11 -0.26 0.81
HA DAL A 5 -3.75 -2.06 -0.90
HB1 DAL A 5 -2.64 -3.83 0.73
HB2 DAL A 5 -2.46 -2.42 1.80
HB3 DAL A 5 -4.08 -2.91 1.25
N DPR A 6 -1.59 -1.93 -2.28
CA DPR A 6 -0.41 -2.22 -3.13
CB DPR A 6 -0.84 -1.96 -4.56
CG DPR A 6 -1.83 -0.79 -4.37
CD DPR A 6 -2.59 -1.22 -3.09
C DPR A 6 0.04 -3.64 -2.90
O DPR A 6 -0.63 -4.59 -3.31
HA DPR A 6 0.39 -1.53 -2.88
HB2 DPR A 6 0.00 -1.67 -5.19
HB3 DPR A 6 -1.35 -2.83 -4.98
HG2 DPR A 6 -1.29 0.15 -4.22
HG3 DPR A 6 -2.51 -0.71 -5.22
HD2 DPR A 6 -3.41 -1.88 -3.34
HD3 DPR A 6 -2.95 -0.34 -2.56
N MLU A 7 1.18 -3.80 -2.25
CN MLU A 7 1.85 -5.06 -1.89
CA MLU A 7 1.96 -2.64 -1.77
C MLU A 7 2.46 -2.92 -0.37
O MLU A 7 3.52 -3.52 -0.20
CB MLU A 7 3.15 -2.41 -2.71
CG MLU A 7 2.64 -2.02 -4.09
CD1 MLU A 7 2.33 -0.53 -4.13
CD2 MLU A 7 3.70 -2.35 -5.14
HCN1 MLU A 7 1.54 -5.37 -0.91
HCN2 MLU A 7 1.57 -5.83 -2.62
HCN3 MLU A 7 2.93 -4.92 -1.92
HA MLU A 7 1.33 -1.76 -1.76
HB2 MLU A 7 3.77 -1.60 -2.31
HB3 MLU A 7 3.74 -3.32 -2.78
HG MLU A 7 1.73 -2.58 -4.31
HD11 MLU A 7 2.57 -0.08 -3.16
HD12 MLU A 7 2.95 -0.05 -4.90
HD13 MLU A 7 1.29 -0.37 -4.36
HD21 MLU A 7 4.17 -3.31 -4.90
HD22 MLU A 7 3.24 -2.41 -6.12
HD23 MLU A 7 4.47 -1.57 -5.15
N DVA A 8 1.70 -2.47 0.62
CA DVA A 8 2.08 -2.67 2.02
CB DVA A 8 1.01 -3.52 2.72
CG1 DVA A 8 0.89 -4.87 2.02
CG2 DVA A 8 1.41 -3.74 4.19
C DVA A 8 2.19 -1.34 2.71
O DVA A 8 3.21 -1.03 3.33
H DVA A 8 0.88 -2.00 0.40
HA DVA A 8 3.04 -3.19 2.07
HB DVA A 8 0.06 -3.00 2.68
HG11 DVA A 8 1.86 -5.17 1.62
HG12 DVA A 8 0.54 -5.62 2.73
HG13 DVA A 8 0.18 -4.79 1.20
HG21 DVA A 8 2.49 -3.87 4.24
HG22 DVA A 8 1.11 -2.87 4.77
HG23 DVA A 8 0.91 -4.62 4.56
N DAL A 1 1.13 -0.51 2.61
CA DAL A 1 1.05 0.82 3.23
CB DAL A 1 -0.17 0.88 4.17
C DAL A 1 0.92 1.87 2.17
O DAL A 1 -0.18 2.36 1.90
H1 DAL A 1 0.37 -0.83 2.08
HA DAL A 1 1.95 1.01 3.81
HB1 DAL A 1 -0.25 -0.06 4.70
HB2 DAL A 1 -0.04 1.70 4.88
HB3 DAL A 1 -1.07 1.05 3.57
N DPR A 2 2.04 2.22 1.54
CA DPR A 2 2.04 3.24 0.47
CB DPR A 2 3.49 3.62 0.24
CG DPR A 2 4.20 2.26 0.51
CD DPR A 2 3.42 1.73 1.74
C DPR A 2 1.19 4.41 0.88
O DPR A 2 1.57 5.18 1.76
HA DPR A 2 1.66 2.80 -0.46
HB2 DPR A 2 3.67 3.95 -0.78
HB3 DPR A 2 3.83 4.37 0.96
HG2 DPR A 2 4.08 1.59 -0.34
HG3 DPR A 2 5.26 2.41 0.75
HD2 DPR A 2 3.84 2.14 2.66
HD3 DPR A 2 3.44 0.64 1.76
N MLU A 3 0.04 4.56 0.23
CN MLU A 3 -0.96 5.61 0.43
CA MLU A 3 -0.38 3.62 -0.82
C MLU A 3 -1.83 3.29 -0.65
O MLU A 3 -2.70 4.01 -1.13
CB MLU A 3 -0.15 4.26 -2.19
CG MLU A 3 1.35 4.49 -2.41
CD1 MLU A 3 1.99 3.21 -2.92
CD2 MLU A 3 1.54 5.61 -3.43
HCN1 MLU A 3 -1.45 5.84 -0.52
HCN2 MLU A 3 -1.71 5.28 1.14
HCN3 MLU A 3 -0.48 6.51 0.81
HA MLU A 3 0.21 2.71 -0.75
HB2 MLU A 3 -0.53 3.59 -2.97
HB3 MLU A 3 -0.68 5.22 -2.23
HG MLU A 3 1.81 4.79 -1.46
HD11 MLU A 3 1.85 3.13 -4.00
HD12 MLU A 3 3.06 3.23 -2.70
HD13 MLU A 3 1.54 2.35 -2.43
HD21 MLU A 3 1.09 5.32 -4.38
HD22 MLU A 3 1.07 6.53 -3.07
HD23 MLU A 3 2.61 5.79 -3.58
N DVA A 4 -2.12 2.20 0.05
CA DVA A 4 -3.49 1.77 0.29
CB DVA A 4 -3.78 1.79 1.80
CG1 DVA A 4 -3.55 3.20 2.34
CG2 DVA A 4 -5.24 1.39 2.03
C DVA A 4 -3.68 0.37 -0.24
O DVA A 4 -4.60 0.11 -1.01
H DVA A 4 -1.38 1.67 0.42
HA DVA A 4 -4.18 2.45 -0.22
HB DVA A 4 -3.13 1.09 2.30
HG11 DVA A 4 -3.79 3.94 1.57
HG12 DVA A 4 -4.18 3.37 3.21
HG13 DVA A 4 -2.51 3.31 2.63
HG21 DVA A 4 -5.35 0.32 1.89
HG22 DVA A 4 -5.52 1.65 3.06
HG23 DVA A 4 -5.88 1.92 1.34
N DAL A 5 -2.82 -0.53 0.18
CA DAL A 5 -2.89 -1.93 -0.25
CB DAL A 5 -3.03 -2.85 0.97
C DAL A 5 -1.64 -2.29 -1.00
O DAL A 5 -0.72 -2.89 -0.44
H DAL A 5 -2.10 -0.27 0.81
HA DAL A 5 -3.75 -2.07 -0.91
HB1 DAL A 5 -3.71 -2.39 1.69
HB2 DAL A 5 -3.43 -3.81 0.66
HB3 DAL A 5 -2.05 -2.98 1.44
N DPR A 6 -1.59 -1.93 -2.28
CA DPR A 6 -0.41 -2.22 -3.13
CB DPR A 6 -0.84 -1.97 -4.56
CG DPR A 6 -1.83 -0.78 -4.38
CD DPR A 6 -2.58 -1.21 -3.09
C DPR A 6 0.04 -3.64 -2.91
O DPR A 6 -0.63 -4.59 -3.31
HA DPR A 6 0.39 -1.53 -2.89
HB2 DPR A 6 0.00 -1.67 -5.19
HB3 DPR A 6 -1.35 -2.83 -4.98
HG2 DPR A 6 -1.29 0.15 -4.22
HG3 DPR A 6 -2.50 -0.71 -5.23
HD2 DPR A 6 -3.41 -1.87 -3.35
HD3 DPR A 6 -2.95 -0.34 -2.56
N MLU A 7 1.18 -3.80 -2.25
CN MLU A 7 1.85 -5.06 -1.89
CA MLU A 7 1.96 -2.64 -1.77
C MLU A 7 2.46 -2.92 -0.37
O MLU A 7 3.52 -3.52 -0.20
CB MLU A 7 3.15 -2.41 -2.71
CG MLU A 7 2.64 -2.02 -4.09
CD1 MLU A 7 2.34 -0.52 -4.13
CD2 MLU A 7 3.70 -2.35 -5.14
HCN1 MLU A 7 2.93 -4.92 -1.92
HCN2 MLU A 7 1.54 -5.37 -0.91
HCN3 MLU A 7 1.57 -5.83 -2.62
HA MLU A 7 1.33 -1.76 -1.76
HB2 MLU A 7 3.78 -1.60 -2.31
HB3 MLU A 7 3.74 -3.32 -2.78
HG MLU A 7 1.74 -2.58 -4.31
HD11 MLU A 7 3.26 0.03 -4.31
HD12 MLU A 7 1.63 -0.32 -4.93
HD13 MLU A 7 1.91 -0.22 -3.18
HD21 MLU A 7 4.62 -1.78 -4.93
HD22 MLU A 7 3.94 -3.42 -5.11
HD23 MLU A 7 3.34 -2.10 -6.13
N DVA A 8 1.70 -2.47 0.62
CA DVA A 8 2.08 -2.67 2.02
CB DVA A 8 1.01 -3.52 2.72
CG1 DVA A 8 0.86 -4.85 2.00
CG2 DVA A 8 1.42 -3.76 4.18
C DVA A 8 2.19 -1.34 2.71
O DVA A 8 3.21 -1.03 3.33
H DVA A 8 0.87 -2.00 0.40
HA DVA A 8 3.04 -3.19 2.07
HB DVA A 8 0.06 -2.99 2.70
HG11 DVA A 8 1.83 -5.15 1.58
HG12 DVA A 8 0.53 -5.62 2.72
HG13 DVA A 8 0.13 -4.77 1.20
HG21 DVA A 8 1.26 -2.84 4.75
HG22 DVA A 8 0.81 -4.55 4.59
HG23 DVA A 8 2.47 -4.04 4.21
N DAL A 1 1.13 -0.50 2.61
CA DAL A 1 1.05 0.82 3.23
CB DAL A 1 -0.17 0.88 4.17
C DAL A 1 0.92 1.87 2.17
O DAL A 1 -0.18 2.37 1.89
H1 DAL A 1 0.37 -0.83 2.08
HA DAL A 1 1.96 1.01 3.82
HB1 DAL A 1 -0.11 0.06 4.88
HB2 DAL A 1 -0.17 1.84 4.69
HB3 DAL A 1 -1.07 0.79 3.57
N DPR A 2 2.04 2.22 1.53
CA DPR A 2 2.04 3.24 0.47
CB DPR A 2 3.49 3.62 0.24
CG DPR A 2 4.21 2.26 0.50
CD DPR A 2 3.42 1.74 1.73
C DPR A 2 1.20 4.41 0.87
O DPR A 2 1.57 5.18 1.76
HA DPR A 2 1.66 2.80 -0.46
HB2 DPR A 2 3.67 3.96 -0.78
HB3 DPR A 2 3.83 4.37 0.95
HG2 DPR A 2 4.09 1.60 -0.35
HG3 DPR A 2 5.25 2.42 0.74
HD2 DPR A 2 3.84 2.14 2.65
HD3 DPR A 2 3.44 0.64 1.76
N MLU A 3 0.04 4.56 0.23
CN MLU A 3 -0.96 5.61 0.43
CA MLU A 3 -0.38 3.62 -0.82
C MLU A 3 -1.84 3.29 -0.65
O MLU A 3 -2.70 4.01 -1.13
CB MLU A 3 -0.15 4.26 -2.19
CG MLU A 3 1.35 4.49 -2.41
CD1 MLU A 3 1.99 3.21 -2.92
CD2 MLU A 3 1.54 5.61 -3.43
HCN1 MLU A 3 -1.45 5.83 -0.52
HCN2 MLU A 3 -1.71 5.27 1.15
HCN3 MLU A 3 -0.48 6.51 0.81
HA MLU A 3 0.21 2.71 -0.75
HB2 MLU A 3 -0.54 3.60 -2.97
HB3 MLU A 3 -0.69 5.21 -2.24
HG MLU A 3 1.80 4.78 -1.46
HD11 MLU A 3 2.46 3.40 -3.88
HD12 MLU A 3 2.75 2.88 -2.21
HD13 MLU A 3 1.23 2.44 -3.04
HD21 MLU A 3 1.45 5.21 -4.44
HD22 MLU A 3 0.78 6.38 -3.28
HD23 MLU A 3 2.53 6.05 -3.30
N DVA A 4 -2.12 2.20 0.05
CA DVA A 4 -3.49 1.77 0.29
CB DVA A 4 -3.78 1.79 1.80
CG1 DVA A 4 -3.50 3.19 2.36
CG2 DVA A 4 -5.25 1.44 2.04
C DVA A 4 -3.68 0.37 -0.24
O DVA A 4 -4.61 0.12 -1.01
H DVA A 4 -1.38 1.67 0.42
HA DVA A 4 -4.18 2.45 -0.22
HB DVA A 4 -3.15 1.06 2.30
HG11 DVA A 4 -2.69 3.14 3.08
HG12 DVA A 4 -3.21 3.85 1.53
HG13 DVA A 4 -4.39 3.58 2.84
HG21 DVA A 4 -5.48 1.53 3.10
HG22 DVA A 4 -5.89 2.11 1.48
HG23 DVA A 4 -5.43 0.41 1.72
N DAL A 5 -2.82 -0.53 0.18
CA DAL A 5 -2.89 -1.94 -0.26
CB DAL A 5 -3.03 -2.85 0.96
C DAL A 5 -1.63 -2.30 -1.00
O DAL A 5 -0.72 -2.89 -0.44
H DAL A 5 -2.10 -0.27 0.81
HA DAL A 5 -3.75 -2.07 -0.91
HB1 DAL A 5 -3.90 -2.53 1.55
HB2 DAL A 5 -3.17 -3.88 0.64
HB3 DAL A 5 -2.13 -2.78 1.58
N DPR A 6 -1.58 -1.93 -2.28
CA DPR A 6 -0.41 -2.22 -3.13
CB DPR A 6 -0.84 -1.97 -4.56
CG DPR A 6 -1.83 -0.78 -4.38
CD DPR A 6 -2.59 -1.22 -3.10
C DPR A 6 0.04 -3.64 -2.91
O DPR A 6 -0.63 -4.59 -3.31
HA DPR A 6 0.40 -1.53 -2.89
HB2 DPR A 6 0.00 -1.67 -5.19
HB3 DPR A 6 -1.35 -2.83 -4.98
HG2 DPR A 6 -1.29 0.15 -4.22
HG3 DPR A 6 -2.50 -0.70 -5.22
HD2 DPR A 6 -3.41 -1.88 -3.36
HD3 DPR A 6 -2.95 -0.34 -2.56
N MLU A 7 1.19 -3.79 -2.24
CN MLU A 7 1.85 -5.06 -1.89
CA MLU A 7 1.96 -2.64 -1.77
C MLU A 7 2.46 -2.92 -0.37
O MLU A 7 3.52 -3.52 -0.20
CB MLU A 7 3.15 -2.41 -2.70
CG MLU A 7 2.64 -2.02 -4.09
CD1 MLU A 7 2.35 -0.53 -4.13
CD2 MLU A 7 3.72 -2.35 -5.14
HCN1 MLU A 7 2.93 -4.92 -1.92
HCN2 MLU A 7 1.53 -5.37 -0.90
HCN3 MLU A 7 1.57 -5.83 -2.62
HA MLU A 7 1.33 -1.76 -1.76
HB2 MLU A 7 3.77 -1.61 -2.30
HB3 MLU A 7 3.74 -3.33 -2.77
HG MLU A 7 1.74 -2.58 -4.31
HD11 MLU A 7 2.95 -0.05 -4.90
HD12 MLU A 7 1.29 -0.37 -4.34
HD13 MLU A 7 2.58 -0.08 -3.17
HD21 MLU A 7 4.44 -1.55 -5.17
HD22 MLU A 7 4.21 -3.28 -4.87
HD23 MLU A 7 3.24 -2.47 -6.12
N DVA A 8 1.70 -2.47 0.62
CA DVA A 8 2.07 -2.68 2.02
CB DVA A 8 1.00 -3.51 2.72
CG1 DVA A 8 0.83 -4.84 1.98
CG2 DVA A 8 1.43 -3.80 4.16
C DVA A 8 2.19 -1.34 2.71
O DVA A 8 3.21 -1.04 3.33
H DVA A 8 0.87 -2.00 0.40
HA DVA A 8 3.03 -3.20 2.08
HB DVA A 8 0.06 -2.96 2.72
HG11 DVA A 8 -0.20 -4.91 1.58
HG12 DVA A 8 1.53 -4.89 1.15
HG13 DVA A 8 1.00 -5.67 2.66
HG21 DVA A 8 0.71 -4.47 4.63
HG22 DVA A 8 2.42 -4.26 4.16
HG23 DVA A 8 1.47 -2.87 4.72
N DAL A 1 1.13 -0.50 2.61
CA DAL A 1 1.05 0.82 3.23
CB DAL A 1 -0.16 0.89 4.16
C DAL A 1 0.92 1.87 2.17
O DAL A 1 -0.17 2.36 1.89
H1 DAL A 1 0.37 -0.83 2.08
HA DAL A 1 1.97 1.01 3.81
HB1 DAL A 1 -0.89 0.15 3.84
HB2 DAL A 1 0.15 0.66 5.19
HB3 DAL A 1 -0.59 1.88 4.13
N DPR A 2 2.04 2.22 1.53
CA DPR A 2 2.04 3.24 0.47
CB DPR A 2 3.49 3.62 0.24
CG DPR A 2 4.20 2.27 0.50
CD DPR A 2 3.42 1.74 1.73
C DPR A 2 1.20 4.41 0.87
O DPR A 2 1.58 5.18 1.75
HA DPR A 2 1.65 2.81 -0.46
HB2 DPR A 2 3.67 3.96 -0.78
HB3 DPR A 2 3.83 4.37 0.95
HG2 DPR A 2 4.09 1.60 -0.35
HG3 DPR A 2 5.25 2.41 0.74
HD2 DPR A 2 3.84 2.14 2.65
HD3 DPR A 2 3.45 0.65 1.75
N MLU A 3 0.04 4.56 0.23
CN MLU A 3 -0.96 5.61 0.43
CA MLU A 3 -0.38 3.62 -0.82
C MLU A 3 -1.84 3.30 -0.65
O MLU A 3 -2.70 4.01 -1.13
CB MLU A 3 -0.16 4.26 -2.19
CG MLU A 3 1.34 4.50 -2.41
CD1 MLU A 3 1.99 3.21 -2.92
CD2 MLU A 3 1.54 5.61 -3.43
HCN1 MLU A 3 -1.71 5.27 1.15
HCN2 MLU A 3 -0.48 6.51 0.81
HCN3 MLU A 3 -1.45 5.83 -0.52
HA MLU A 3 0.21 2.71 -0.75
HB2 MLU A 3 -0.54 3.60 -2.97
HB3 MLU A 3 -0.69 5.21 -2.24
HG MLU A 3 1.80 4.78 -1.46
HD11 MLU A 3 1.84 3.13 -4.00
HD12 MLU A 3 3.06 3.22 -2.71
HD13 MLU A 3 1.53 2.35 -2.43
HD21 MLU A 3 0.92 5.41 -4.32
HD22 MLU A 3 1.23 6.56 -3.00
HD23 MLU A 3 2.59 5.66 -3.72
N DVA A 4 -2.11 2.21 0.06
CA DVA A 4 -3.50 1.77 0.30
CB DVA A 4 -3.79 1.79 1.80
CG1 DVA A 4 -3.51 3.19 2.36
CG2 DVA A 4 -5.25 1.42 2.04
C DVA A 4 -3.69 0.37 -0.23
O DVA A 4 -4.61 0.12 -1.00
H DVA A 4 -1.38 1.67 0.42
HA DVA A 4 -4.18 2.45 -0.22
HB DVA A 4 -3.14 1.07 2.30
HG11 DVA A 4 -3.51 3.92 1.54
HG12 DVA A 4 -4.28 3.45 3.08
HG13 DVA A 4 -2.54 3.20 2.84
HG21 DVA A 4 -5.42 0.41 1.71
HG22 DVA A 4 -5.46 1.50 3.11
HG23 DVA A 4 -5.89 2.11 1.50
N DAL A 5 -2.82 -0.53 0.18
CA DAL A 5 -2.89 -1.94 -0.26
CB DAL A 5 -3.04 -2.84 0.96
C DAL A 5 -1.64 -2.29 -1.00
O DAL A 5 -0.72 -2.89 -0.44
H DAL A 5 -2.10 -0.26 0.80
HA DAL A 5 -3.75 -2.06 -0.92
HB1 DAL A 5 -2.64 -2.35 1.84
HB2 DAL A 5 -4.09 -3.07 1.11
HB3 DAL A 5 -2.49 -3.77 0.79
N DPR A 6 -1.58 -1.93 -2.28
CA DPR A 6 -0.41 -2.22 -3.13
CB DPR A 6 -0.84 -1.97 -4.56
CG DPR A 6 -1.82 -0.79 -4.38
CD DPR A 6 -2.59 -1.22 -3.10
C DPR A 6 0.04 -3.64 -2.91
O DPR A 6 -0.63 -4.59 -3.31
HA DPR A 6 0.41 -1.53 -2.89
HB2 DPR A 6 0.01 -1.68 -5.19
HB3 DPR A 6 -1.35 -2.83 -4.99
HG2 DPR A 6 -1.28 0.15 -4.22
HG3 DPR A 6 -2.50 -0.70 -5.22
HD2 DPR A 6 -3.41 -1.88 -3.36
HD3 DPR A 6 -2.95 -0.33 -2.57
N MLU A 7 1.18 -3.80 -2.25
CN MLU A 7 1.85 -5.06 -1.89
CA MLU A 7 1.96 -2.64 -1.77
C MLU A 7 2.46 -2.92 -0.37
O MLU A 7 3.52 -3.53 -0.19
CB MLU A 7 3.15 -2.41 -2.70
CG MLU A 7 2.65 -2.03 -4.09
CD1 MLU A 7 2.35 -0.53 -4.13
CD2 MLU A 7 3.72 -2.35 -5.14
HCN1 MLU A 7 1.53 -5.37 -0.90
HCN2 MLU A 7 1.57 -5.83 -2.62
HCN3 MLU A 7 2.93 -4.93 -1.91
HA MLU A 7 1.33 -1.76 -1.76
HB2 MLU A 7 3.77 -1.61 -2.30
HB3 MLU A 7 3.74 -3.32 -2.76
HG MLU A 7 1.74 -2.58 -4.31
HD11 MLU A 7 3.27 0.02 -4.30
HD12 MLU A 7 1.63 -0.32 -4.93
HD13 MLU A 7 1.92 -0.21 -3.17
HD21 MLU A 7 4.67 -1.93 -4.82
HD22 MLU A 7 3.81 -3.44 -5.23
HD23 MLU A 7 3.43 -1.92 -6.10
N DVA A 8 1.70 -2.47 0.62
CA DVA A 8 2.07 -2.68 2.02
CB DVA A 8 1.00 -3.51 2.72
CG1 DVA A 8 0.83 -4.84 1.98
CG2 DVA A 8 1.42 -3.79 4.17
C DVA A 8 2.19 -1.34 2.71
O DVA A 8 3.21 -1.04 3.33
H DVA A 8 0.87 -2.00 0.40
HA DVA A 8 3.03 -3.20 2.08
HB DVA A 8 0.06 -2.97 2.72
HG11 DVA A 8 1.70 -5.03 1.36
HG12 DVA A 8 0.72 -5.65 2.71
HG13 DVA A 8 -0.06 -4.79 1.35
HG21 DVA A 8 1.47 -2.85 4.72
HG22 DVA A 8 0.69 -4.45 4.64
HG23 DVA A 8 2.40 -4.27 4.17
N DAL A 1 1.22 -0.56 2.49
CA DAL A 1 1.08 0.76 3.14
CB DAL A 1 -0.14 0.75 4.05
C DAL A 1 0.91 1.81 2.08
O DAL A 1 -0.18 2.32 1.87
H1 DAL A 1 0.57 -0.83 1.82
HA DAL A 1 1.98 0.96 3.72
HB1 DAL A 1 -0.86 0.00 3.71
HB2 DAL A 1 0.17 0.51 5.07
HB3 DAL A 1 -0.61 1.74 4.05
N DPR A 2 2.01 2.16 1.42
CA DPR A 2 1.98 3.18 0.35
CB DPR A 2 3.42 3.56 0.07
CG DPR A 2 4.13 2.20 0.29
CD DPR A 2 3.39 1.65 1.54
C DPR A 2 1.16 4.37 0.81
O DPR A 2 1.57 5.12 1.70
HA DPR A 2 1.55 2.77 -0.55
HB2 DPR A 2 3.56 3.90 -0.95
HB3 DPR A 2 3.80 4.29 0.78
HG2 DPR A 2 3.97 1.54 -0.56
HG3 DPR A 2 5.20 2.33 0.49
HD2 DPR A 2 3.85 2.05 2.45
HD3 DPR A 2 3.40 0.57 1.56
N MLU A 3 -0.01 4.54 0.20
CN MLU A 3 -0.99 5.60 0.45
CA MLU A 3 -0.47 3.62 -0.85
C MLU A 3 -1.93 3.33 -0.65
O MLU A 3 -2.80 4.05 -1.14
CB MLU A 3 -0.27 4.28 -2.22
CG MLU A 3 1.23 4.49 -2.47
CD1 MLU A 3 1.84 3.19 -3.02
CD2 MLU A 3 1.42 5.61 -3.49
HCN1 MLU A 3 -1.72 5.26 1.19
HCN2 MLU A 3 -0.48 6.49 0.82
HCN3 MLU A 3 -1.52 5.84 -0.48
HA MLU A 3 0.10 2.70 -0.80
HB2 MLU A 3 -0.68 3.64 -2.99
HB3 MLU A 3 -0.78 5.24 -2.24
HG MLU A 3 1.71 4.75 -1.53
HD11 MLU A 3 1.73 3.17 -4.10
HD12 MLU A 3 2.89 3.15 -2.75
HD13 MLU A 3 1.32 2.34 -2.58
HD21 MLU A 3 2.34 6.14 -3.26
HD22 MLU A 3 1.48 5.18 -4.49
HD23 MLU A 3 0.58 6.29 -3.44
N DVA A 4 -2.22 2.25 0.08
CA DVA A 4 -3.61 1.85 0.36
CB DVA A 4 -3.89 1.99 1.85
CG1 DVA A 4 -5.35 1.64 2.13
CG2 DVA A 4 -2.98 1.03 2.63
C DVA A 4 -3.80 0.42 -0.06
O DVA A 4 -4.87 0.05 -0.55
H DVA A 4 -1.48 1.72 0.45
HA DVA A 4 -4.28 2.50 -0.20
HB DVA A 4 -3.69 3.01 2.18
HG11 DVA A 4 -6.00 2.37 1.63
HG12 DVA A 4 -5.57 0.64 1.76
HG13 DVA A 4 -5.53 1.66 3.21
HG21 DVA A 4 -2.00 0.97 2.15
HG22 DVA A 4 -2.87 1.39 3.65
HG23 DVA A 4 -3.43 0.04 2.65
N DAL A 5 -2.77 -0.40 0.11
CA DAL A 5 -2.83 -1.82 -0.26
CB DAL A 5 -2.97 -2.67 1.01
C DAL A 5 -1.57 -2.20 -0.99
O DAL A 5 -0.69 -2.84 -0.42
H DAL A 5 -1.94 -0.04 0.50
HA DAL A 5 -3.69 -1.98 -0.90
HB1 DAL A 5 -2.56 -2.12 1.85
HB2 DAL A 5 -4.03 -2.88 1.18
HB3 DAL A 5 -2.42 -3.60 0.87
N DPR A 6 -1.49 -1.81 -2.25
CA DPR A 6 -0.30 -2.14 -3.08
CB DPR A 6 -0.70 -1.84 -4.53
CG DPR A 6 -1.65 -0.63 -4.34
CD DPR A 6 -2.45 -1.06 -3.09
C DPR A 6 0.09 -3.57 -2.89
O DPR A 6 -0.61 -4.48 -3.32
HA DPR A 6 0.52 -1.47 -2.81
HB2 DPR A 6 0.17 -1.56 -5.12
HB3 DPR A 6 -1.22 -2.68 -4.98
HG2 DPR A 6 -1.08 0.28 -4.15
HG3 DPR A 6 -2.30 -0.51 -5.21
HD2 DPR A 6 -3.28 -1.68 -3.37
HD3 DPR A 6 -2.80 -0.17 -2.54
N MLU A 7 1.23 -3.78 -2.22
CN MLU A 7 1.84 -5.07 -1.88
CA MLU A 7 2.03 -2.67 -1.71
C MLU A 7 2.52 -2.99 -0.32
O MLU A 7 3.56 -3.60 -0.14
CB MLU A 7 3.24 -2.45 -2.63
CG MLU A 7 2.75 -2.01 -4.01
CD1 MLU A 7 2.50 -0.51 -4.02
CD2 MLU A 7 3.82 -2.35 -5.06
HCN1 MLU A 7 1.50 -5.39 -0.90
HCN2 MLU A 7 1.55 -5.82 -2.63
HCN3 MLU A 7 2.92 -4.96 -1.88
HA MLU A 7 1.43 -1.76 -1.69
HB2 MLU A 7 3.88 -1.67 -2.21
HB3 MLU A 7 3.80 -3.38 -2.72
HG MLU A 7 1.83 -2.54 -4.26
HD11 MLU A 7 3.42 0.02 -4.25
HD12 MLU A 7 1.75 -0.27 -4.77
HD13 MLU A 7 2.14 -0.20 -3.03
HD21 MLU A 7 3.34 -2.62 -6.00
HD22 MLU A 7 4.47 -1.49 -5.21
HD23 MLU A 7 4.42 -3.20 -4.70
N DVA A 8 1.74 -2.57 0.68
CA DVA A 8 2.10 -2.82 2.09
CB DVA A 8 1.07 -3.75 2.71
CG1 DVA A 8 1.47 -4.08 4.14
CG2 DVA A 8 -0.31 -3.08 2.71
C DVA A 8 2.11 -1.51 2.84
O DVA A 8 2.94 -1.31 3.73
H DVA A 8 0.92 -2.08 0.47
HA DVA A 8 3.08 -3.28 2.13
HB DVA A 8 1.02 -4.68 2.13
HG11 DVA A 8 2.42 -4.62 4.14
HG12 DVA A 8 1.59 -3.15 4.71
HG13 DVA A 8 0.71 -4.70 4.61
HG21 DVA A 8 -0.42 -2.49 1.81
HG22 DVA A 8 -1.08 -3.84 2.75
HG23 DVA A 8 -0.39 -2.43 3.58
N DAL A 1 1.22 -0.56 2.49
CA DAL A 1 1.08 0.76 3.14
CB DAL A 1 -0.14 0.76 4.06
C DAL A 1 0.91 1.82 2.09
O DAL A 1 -0.18 2.32 1.87
H1 DAL A 1 0.56 -0.82 1.81
HA DAL A 1 1.98 0.97 3.73
HB1 DAL A 1 0.17 0.51 5.07
HB2 DAL A 1 -0.61 1.74 4.05
HB3 DAL A 1 -0.85 0.01 3.72
N DPR A 2 2.01 2.16 1.42
CA DPR A 2 1.98 3.18 0.35
CB DPR A 2 3.43 3.56 0.07
CG DPR A 2 4.13 2.20 0.29
CD DPR A 2 3.39 1.66 1.55
C DPR A 2 1.16 4.37 0.81
O DPR A 2 1.57 5.12 1.70
HA DPR A 2 1.55 2.77 -0.55
HB2 DPR A 2 3.56 3.90 -0.95
HB3 DPR A 2 3.79 4.30 0.79
HG2 DPR A 2 3.97 1.54 -0.56
HG3 DPR A 2 5.20 2.33 0.49
HD2 DPR A 2 3.85 2.05 2.45
HD3 DPR A 2 3.40 0.57 1.56
N MLU A 3 -0.01 4.54 0.20
CN MLU A 3 -0.99 5.60 0.45
CA MLU A 3 -0.47 3.62 -0.85
C MLU A 3 -1.93 3.33 -0.65
O MLU A 3 -2.80 4.05 -1.14
CB MLU A 3 -0.27 4.27 -2.22
CG MLU A 3 1.23 4.49 -2.47
CD1 MLU A 3 1.84 3.19 -3.01
CD2 MLU A 3 1.42 5.61 -3.49
HCN1 MLU A 3 -1.49 5.85 -0.48
HCN2 MLU A 3 -1.73 5.25 1.17
HCN3 MLU A 3 -0.48 6.48 0.84
HA MLU A 3 0.10 2.70 -0.81
HB2 MLU A 3 -0.68 3.64 -2.99
HB3 MLU A 3 -0.78 5.24 -2.24
HG MLU A 3 1.72 4.76 -1.53
HD11 MLU A 3 1.33 2.34 -2.56
HD12 MLU A 3 1.71 3.17 -4.10
HD13 MLU A 3 2.90 3.17 -2.77
HD21 MLU A 3 0.83 6.48 -3.19
HD22 MLU A 3 2.48 5.89 -3.53
HD23 MLU A 3 1.10 5.28 -4.47
N DVA A 4 -2.22 2.25 0.09
CA DVA A 4 -3.61 1.85 0.36
CB DVA A 4 -3.88 1.98 1.85
CG1 DVA A 4 -5.35 1.64 2.14
CG2 DVA A 4 -2.98 1.03 2.63
C DVA A 4 -3.80 0.42 -0.06
O DVA A 4 -4.87 0.05 -0.55
H DVA A 4 -1.48 1.72 0.45
HA DVA A 4 -4.28 2.50 -0.20
HB DVA A 4 -3.68 3.00 2.18
HG11 DVA A 4 -5.99 2.15 1.41
HG12 DVA A 4 -5.49 0.56 2.05
HG13 DVA A 4 -5.61 1.95 3.14
HG21 DVA A 4 -2.00 0.97 2.15
HG22 DVA A 4 -2.86 1.38 3.66
HG23 DVA A 4 -3.42 0.03 2.65
N DAL A 5 -2.77 -0.40 0.11
CA DAL A 5 -2.83 -1.82 -0.27
CB DAL A 5 -2.97 -2.67 1.01
C DAL A 5 -1.57 -2.20 -0.99
O DAL A 5 -0.68 -2.84 -0.43
H DAL A 5 -1.94 -0.04 0.50
HA DAL A 5 -3.69 -1.98 -0.91
HB1 DAL A 5 -4.03 -2.89 1.18
HB2 DAL A 5 -2.42 -3.60 0.87
HB3 DAL A 5 -2.57 -2.11 1.85
N DPR A 6 -1.49 -1.82 -2.26
CA DPR A 6 -0.30 -2.14 -3.08
CB DPR A 6 -0.70 -1.84 -4.53
CG DPR A 6 -1.65 -0.63 -4.34
CD DPR A 6 -2.45 -1.06 -3.09
C DPR A 6 0.09 -3.57 -2.89
O DPR A 6 -0.61 -4.48 -3.32
HA DPR A 6 0.52 -1.47 -2.81
HB2 DPR A 6 0.17 -1.56 -5.12
HB3 DPR A 6 -1.22 -2.68 -4.98
HG2 DPR A 6 -1.08 0.28 -4.16
HG3 DPR A 6 -2.30 -0.51 -5.21
HD2 DPR A 6 -3.29 -1.69 -3.37
HD3 DPR A 6 -2.80 -0.18 -2.54
N MLU A 7 1.23 -3.78 -2.22
CN MLU A 7 1.84 -5.07 -1.88
CA MLU A 7 2.03 -2.67 -1.71
C MLU A 7 2.51 -2.99 -0.31
O MLU A 7 3.56 -3.60 -0.14
CB MLU A 7 3.24 -2.45 -2.63
CG MLU A 7 2.76 -2.02 -4.01
CD1 MLU A 7 2.50 -0.51 -4.02
CD2 MLU A 7 3.82 -2.37 -5.06
HCN1 MLU A 7 2.92 -4.97 -1.90
HCN2 MLU A 7 1.51 -5.38 -0.89
HCN3 MLU A 7 1.52 -5.82 -2.61
HA MLU A 7 1.43 -1.76 -1.68
HB2 MLU A 7 3.88 -1.67 -2.21
HB3 MLU A 7 3.80 -3.38 -2.71
HG MLU A 7 1.83 -2.55 -4.25
HD11 MLU A 7 2.12 -0.20 -3.04
HD12 MLU A 7 3.43 0.01 -4.23
HD13 MLU A 7 1.76 -0.27 -4.78
HD21 MLU A 7 4.14 -3.39 -4.92
HD22 MLU A 7 3.40 -2.23 -6.06
HD23 MLU A 7 4.67 -1.70 -4.93
N DVA A 8 1.74 -2.57 0.68
CA DVA A 8 2.09 -2.82 2.09
CB DVA A 8 1.06 -3.76 2.72
CG1 DVA A 8 1.47 -4.09 4.15
CG2 DVA A 8 -0.31 -3.08 2.71
C DVA A 8 2.11 -1.51 2.84
O DVA A 8 2.94 -1.31 3.73
H DVA A 8 0.92 -2.09 0.48
HA DVA A 8 3.08 -3.28 2.13
HB DVA A 8 1.01 -4.68 2.13
HG11 DVA A 8 2.54 -4.34 4.18
HG12 DVA A 8 1.29 -3.21 4.78
HG13 DVA A 8 0.89 -4.92 4.51
HG21 DVA A 8 -0.42 -2.49 1.81
HG22 DVA A 8 -1.09 -3.84 2.75
HG23 DVA A 8 -0.39 -2.43 3.58
N DAL A 1 1.22 -0.56 2.49
CA DAL A 1 1.10 0.76 3.14
CB DAL A 1 -0.13 0.76 4.07
C DAL A 1 0.92 1.82 2.08
O DAL A 1 -0.18 2.33 1.87
H1 DAL A 1 0.56 -0.82 1.81
HA DAL A 1 1.99 0.96 3.72
HB1 DAL A 1 -0.84 0.01 3.72
HB2 DAL A 1 0.19 0.52 5.09
HB3 DAL A 1 -0.59 1.74 4.05
N DPR A 2 2.02 2.17 1.41
CA DPR A 2 1.98 3.18 0.35
CB DPR A 2 3.42 3.56 0.07
CG DPR A 2 4.13 2.20 0.28
CD DPR A 2 3.39 1.66 1.53
C DPR A 2 1.16 4.36 0.81
O DPR A 2 1.58 5.12 1.69
HA DPR A 2 1.55 2.77 -0.56
HB2 DPR A 2 3.56 3.91 -0.96
HB3 DPR A 2 3.79 4.30 0.77
HG2 DPR A 2 3.97 1.53 -0.57
HG3 DPR A 2 5.19 2.33 0.47
HD2 DPR A 2 3.87 2.05 2.44
HD3 DPR A 2 3.41 0.58 1.55
N MLU A 3 -0.01 4.54 0.20
CN MLU A 3 -0.99 5.59 0.44
CA MLU A 3 -0.47 3.62 -0.85
C MLU A 3 -1.93 3.33 -0.65
O MLU A 3 -2.80 4.04 -1.14
CB MLU A 3 -0.27 4.27 -2.22
CG MLU A 3 1.22 4.48 -2.48
CD1 MLU A 3 1.83 3.19 -3.02
CD2 MLU A 3 1.42 5.61 -3.49
HCN1 MLU A 3 -1.72 5.25 1.19
HCN2 MLU A 3 -0.49 6.48 0.83
HCN3 MLU A 3 -1.51 5.84 -0.49
HA MLU A 3 0.10 2.70 -0.81
HB2 MLU A 3 -0.68 3.63 -3.00
HB3 MLU A 3 -0.78 5.24 -2.24
HG MLU A 3 1.72 4.75 -1.54
HD11 MLU A 3 2.89 3.13 -2.73
HD12 MLU A 3 1.30 2.33 -2.59
HD13 MLU A 3 1.74 3.17 -4.10
HD21 MLU A 3 2.21 6.27 -3.16
HD22 MLU A 3 1.68 5.18 -4.46
HD23 MLU A 3 0.49 6.17 -3.59
N DVA A 4 -2.22 2.26 0.09
CA DVA A 4 -3.59 1.85 0.37
CB DVA A 4 -3.88 1.98 1.86
CG1 DVA A 4 -2.97 1.02 2.64
CG2 DVA A 4 -3.60 3.41 2.32
C DVA A 4 -3.80 0.42 -0.06
O DVA A 4 -4.87 0.06 -0.55
H DVA A 4 -1.48 1.72 0.46
HA DVA A 4 -4.28 2.50 -0.18
HB DVA A 4 -4.92 1.73 2.06
HG11 DVA A 4 -2.85 1.38 3.66
HG12 DVA A 4 -3.42 0.03 2.65
HG13 DVA A 4 -2.00 0.97 2.15
HG21 DVA A 4 -2.61 3.48 2.73
HG22 DVA A 4 -3.70 4.08 1.46
HG23 DVA A 4 -4.33 3.69 3.08
N DAL A 5 -2.77 -0.40 0.11
CA DAL A 5 -2.84 -1.81 -0.27
CB DAL A 5 -2.98 -2.67 0.99
C DAL A 5 -1.58 -2.21 -1.00
O DAL A 5 -0.69 -2.83 -0.43
H DAL A 5 -1.94 -0.04 0.51
HA DAL A 5 -3.70 -1.98 -0.92
HB1 DAL A 5 -2.58 -2.13 1.85
HB2 DAL A 5 -4.03 -2.89 1.16
HB3 DAL A 5 -2.44 -3.61 0.86
N DPR A 6 -1.49 -1.81 -2.26
CA DPR A 6 -0.30 -2.13 -3.09
CB DPR A 6 -0.68 -1.84 -4.52
CG DPR A 6 -1.64 -0.62 -4.34
CD DPR A 6 -2.44 -1.05 -3.08
C DPR A 6 0.09 -3.56 -2.88
O DPR A 6 -0.61 -4.48 -3.32
HA DPR A 6 0.52 -1.47 -2.81
HB2 DPR A 6 0.18 -1.56 -5.13
HB3 DPR A 6 -1.22 -2.68 -4.98
HG2 DPR A 6 -1.07 0.29 -4.15
HG3 DPR A 6 -2.29 -0.51 -5.20
HD2 DPR A 6 -3.28 -1.68 -3.37
HD3 DPR A 6 -2.80 -0.17 -2.55
N MLU A 7 1.23 -3.78 -2.22
CN MLU A 7 1.84 -5.07 -1.88
CA MLU A 7 2.04 -2.66 -1.71
C MLU A 7 2.52 -2.98 -0.31
O MLU A 7 3.57 -3.59 -0.13
CB MLU A 7 3.24 -2.44 -2.62
CG MLU A 7 2.75 -2.01 -4.01
CD1 MLU A 7 2.50 -0.50 -4.01
CD2 MLU A 7 3.83 -2.35 -5.04
HCN1 MLU A 7 1.50 -5.38 -0.90
HCN2 MLU A 7 1.54 -5.81 -2.62
HCN3 MLU A 7 2.92 -4.96 -1.88
HA MLU A 7 1.42 -1.75 -1.68
HB2 MLU A 7 3.88 -1.66 -2.21
HB3 MLU A 7 3.81 -3.38 -2.70
HG MLU A 7 1.84 -2.54 -4.25
HD11 MLU A 7 1.73 -0.27 -4.75
HD12 MLU A 7 2.16 -0.19 -3.02
HD13 MLU A 7 3.42 0.02 -4.27
HD21 MLU A 7 3.35 -2.81 -5.92
HD22 MLU A 7 4.34 -1.44 -5.35
HD23 MLU A 7 4.55 -3.05 -4.62
N DVA A 8 1.73 -2.57 0.69
CA DVA A 8 2.09 -2.82 2.08
CB DVA A 8 1.05 -3.75 2.72
CG1 DVA A 8 -0.32 -3.08 2.71
CG2 DVA A 8 0.97 -5.05 1.90
C DVA A 8 2.11 -1.52 2.84
O DVA A 8 2.94 -1.33 3.74
H DVA A 8 0.90 -2.09 0.47
HA DVA A 8 3.07 -3.29 2.14
HB DVA A 8 1.35 -3.99 3.74
HG11 DVA A 8 -1.10 -3.83 2.76
HG12 DVA A 8 -0.39 -2.42 3.59
HG13 DVA A 8 -0.43 -2.49 1.81
HG21 DVA A 8 0.15 -4.98 1.19
HG22 DVA A 8 1.90 -5.19 1.35
HG23 DVA A 8 0.81 -5.89 2.57
N DAL A 1 1.22 -0.56 2.49
CA DAL A 1 1.10 0.76 3.14
CB DAL A 1 -0.13 0.76 4.07
C DAL A 1 0.92 1.82 2.08
O DAL A 1 -0.18 2.33 1.87
H1 DAL A 1 0.56 -0.82 1.81
HA DAL A 1 1.99 0.96 3.72
HB1 DAL A 1 0.19 0.53 5.08
HB2 DAL A 1 -0.60 1.74 4.06
HB3 DAL A 1 -0.83 0.01 3.73
N DPR A 2 2.01 2.16 1.42
CA DPR A 2 1.98 3.18 0.35
CB DPR A 2 3.42 3.56 0.07
CG DPR A 2 4.13 2.20 0.28
CD DPR A 2 3.39 1.66 1.53
C DPR A 2 1.16 4.36 0.81
O DPR A 2 1.58 5.12 1.69
HA DPR A 2 1.55 2.77 -0.56
HB2 DPR A 2 3.56 3.91 -0.96
HB3 DPR A 2 3.79 4.30 0.77
HG2 DPR A 2 3.97 1.53 -0.57
HG3 DPR A 2 5.19 2.33 0.47
HD2 DPR A 2 3.87 2.05 2.44
HD3 DPR A 2 3.40 0.57 1.54
N MLU A 3 -0.01 4.54 0.20
CN MLU A 3 -0.99 5.59 0.44
CA MLU A 3 -0.47 3.62 -0.85
C MLU A 3 -1.93 3.33 -0.65
O MLU A 3 -2.80 4.04 -1.14
CB MLU A 3 -0.27 4.27 -2.22
CG MLU A 3 1.22 4.48 -2.48
CD1 MLU A 3 1.82 3.19 -3.02
CD2 MLU A 3 1.41 5.60 -3.50
HCN1 MLU A 3 -1.71 5.26 1.20
HCN2 MLU A 3 -0.48 6.49 0.81
HCN3 MLU A 3 -1.52 5.83 -0.48
HA MLU A 3 0.10 2.70 -0.81
HB2 MLU A 3 -0.68 3.63 -3.00
HB3 MLU A 3 -0.78 5.24 -2.24
HG MLU A 3 1.72 4.75 -1.54
HD11 MLU A 3 1.33 2.33 -2.57
HD12 MLU A 3 1.70 3.15 -4.10
HD13 MLU A 3 2.89 3.15 -2.78
HD21 MLU A 3 2.48 5.74 -3.69
HD22 MLU A 3 0.92 5.34 -4.43
HD23 MLU A 3 0.99 6.53 -3.11
N DVA A 4 -2.22 2.26 0.09
CA DVA A 4 -3.59 1.85 0.37
CB DVA A 4 -3.88 1.98 1.86
CG1 DVA A 4 -2.96 1.02 2.64
CG2 DVA A 4 -3.60 3.41 2.32
C DVA A 4 -3.80 0.42 -0.06
O DVA A 4 -4.87 0.06 -0.55
H DVA A 4 -1.48 1.72 0.46
HA DVA A 4 -4.28 2.50 -0.18
HB DVA A 4 -4.92 1.73 2.06
HG11 DVA A 4 -1.99 0.97 2.16
HG12 DVA A 4 -2.85 1.38 3.66
HG13 DVA A 4 -3.41 0.03 2.66
HG21 DVA A 4 -4.30 3.68 3.12
HG22 DVA A 4 -2.58 3.49 2.67
HG23 DVA A 4 -3.75 4.09 1.47
N DAL A 5 -2.77 -0.40 0.11
CA DAL A 5 -2.84 -1.81 -0.27
CB DAL A 5 -2.98 -2.67 0.99
C DAL A 5 -1.58 -2.21 -1.00
O DAL A 5 -0.69 -2.83 -0.43
H DAL A 5 -1.94 -0.04 0.51
HA DAL A 5 -3.70 -1.98 -0.92
HB1 DAL A 5 -4.03 -2.89 1.16
HB2 DAL A 5 -2.44 -3.61 0.86
HB3 DAL A 5 -2.58 -2.13 1.85
N DPR A 6 -1.49 -1.81 -2.26
CA DPR A 6 -0.30 -2.13 -3.09
CB DPR A 6 -0.68 -1.84 -4.52
CG DPR A 6 -1.64 -0.62 -4.34
CD DPR A 6 -2.44 -1.05 -3.08
C DPR A 6 0.09 -3.56 -2.88
O DPR A 6 -0.61 -4.48 -3.32
HA DPR A 6 0.52 -1.47 -2.81
HB2 DPR A 6 0.18 -1.56 -5.13
HB3 DPR A 6 -1.22 -2.68 -4.98
HG2 DPR A 6 -1.07 0.29 -4.15
HG3 DPR A 6 -2.29 -0.50 -5.21
HD2 DPR A 6 -3.28 -1.68 -3.37
HD3 DPR A 6 -2.80 -0.17 -2.55
N MLU A 7 1.23 -3.78 -2.22
CN MLU A 7 1.84 -5.07 -1.88
CA MLU A 7 2.04 -2.66 -1.71
C MLU A 7 2.52 -2.98 -0.31
O MLU A 7 3.57 -3.59 -0.13
CB MLU A 7 3.24 -2.44 -2.62
CG MLU A 7 2.75 -2.01 -4.01
CD1 MLU A 7 2.50 -0.50 -4.01
CD2 MLU A 7 3.83 -2.35 -5.04
HCN1 MLU A 7 1.49 -5.39 -0.89
HCN2 MLU A 7 1.56 -5.81 -2.63
HCN3 MLU A 7 2.92 -4.96 -1.86
HA MLU A 7 1.42 -1.75 -1.68
HB2 MLU A 7 3.88 -1.66 -2.21
HB3 MLU A 7 3.80 -3.37 -2.70
HG MLU A 7 1.84 -2.54 -4.25
HD11 MLU A 7 2.12 -0.19 -3.03
HD12 MLU A 7 3.44 0.03 -4.22
HD13 MLU A 7 1.77 -0.26 -4.78
HD21 MLU A 7 3.48 -2.05 -6.03
HD22 MLU A 7 4.75 -1.83 -4.81
HD23 MLU A 7 4.01 -3.43 -5.04
N DVA A 8 1.73 -2.57 0.69
CA DVA A 8 2.08 -2.83 2.09
CB DVA A 8 1.05 -3.75 2.72
CG1 DVA A 8 -0.32 -3.08 2.71
CG2 DVA A 8 0.97 -5.05 1.90
C DVA A 8 2.11 -1.52 2.84
O DVA A 8 2.93 -1.32 3.74
H DVA A 8 0.90 -2.09 0.47
HA DVA A 8 3.07 -3.29 2.14
HB DVA A 8 1.34 -3.99 3.73
HG11 DVA A 8 -0.43 -2.49 1.81
HG12 DVA A 8 -1.10 -3.83 2.75
HG13 DVA A 8 -0.40 -2.42 3.58
HG21 DVA A 8 0.75 -5.88 2.57
HG22 DVA A 8 0.19 -4.97 1.15
HG23 DVA A 8 1.93 -5.22 1.41
N DAL A 1 1.22 -0.56 2.49
CA DAL A 1 1.10 0.76 3.14
CB DAL A 1 -0.13 0.76 4.07
C DAL A 1 0.92 1.82 2.08
O DAL A 1 -0.18 2.33 1.87
H1 DAL A 1 0.56 -0.82 1.81
HA DAL A 1 1.99 0.96 3.72
HB1 DAL A 1 0.19 0.53 5.08
HB2 DAL A 1 -0.59 1.74 4.05
HB3 DAL A 1 -0.83 0.01 3.73
N DPR A 2 2.02 2.17 1.41
CA DPR A 2 1.98 3.18 0.35
CB DPR A 2 3.42 3.56 0.07
CG DPR A 2 4.13 2.20 0.28
CD DPR A 2 3.39 1.66 1.53
C DPR A 2 1.16 4.36 0.81
O DPR A 2 1.58 5.12 1.69
HA DPR A 2 1.55 2.77 -0.55
HB2 DPR A 2 3.56 3.91 -0.96
HB3 DPR A 2 3.79 4.30 0.77
HG2 DPR A 2 3.97 1.53 -0.57
HG3 DPR A 2 5.19 2.33 0.47
HD2 DPR A 2 3.87 2.05 2.44
HD3 DPR A 2 3.40 0.57 1.54
N MLU A 3 -0.01 4.54 0.20
CN MLU A 3 -0.99 5.59 0.44
CA MLU A 3 -0.47 3.62 -0.85
C MLU A 3 -1.93 3.33 -0.65
O MLU A 3 -2.80 4.04 -1.14
CB MLU A 3 -0.27 4.27 -2.22
CG MLU A 3 1.22 4.48 -2.48
CD1 MLU A 3 1.82 3.19 -3.02
CD2 MLU A 3 1.41 5.60 -3.50
HCN1 MLU A 3 -1.72 5.26 1.19
HCN2 MLU A 3 -0.49 6.49 0.82
HCN3 MLU A 3 -1.52 5.83 -0.48
HA MLU A 3 0.10 2.70 -0.81
HB2 MLU A 3 -0.68 3.63 -3.00
HB3 MLU A 3 -0.78 5.24 -2.24
HG MLU A 3 1.72 4.75 -1.54
HD11 MLU A 3 1.33 2.33 -2.57
HD12 MLU A 3 1.70 3.15 -4.10
HD13 MLU A 3 2.89 3.15 -2.78
HD21 MLU A 3 2.19 6.28 -3.14
HD22 MLU A 3 1.70 5.18 -4.46
HD23 MLU A 3 0.48 6.15 -3.61
N DVA A 4 -2.22 2.26 0.09
CA DVA A 4 -3.59 1.85 0.37
CB DVA A 4 -3.88 1.98 1.86
CG1 DVA A 4 -2.97 1.02 2.64
CG2 DVA A 4 -3.60 3.41 2.32
C DVA A 4 -3.80 0.42 -0.06
O DVA A 4 -4.87 0.06 -0.55
H DVA A 4 -1.48 1.72 0.46
HA DVA A 4 -4.28 2.50 -0.18
HB DVA A 4 -4.92 1.73 2.06
HG11 DVA A 4 -2.85 1.38 3.66
HG12 DVA A 4 -3.42 0.03 2.65
HG13 DVA A 4 -1.99 0.97 2.16
HG21 DVA A 4 -4.33 3.69 3.08
HG22 DVA A 4 -2.61 3.48 2.73
HG23 DVA A 4 -3.70 4.08 1.46
N DAL A 5 -2.77 -0.40 0.11
CA DAL A 5 -2.84 -1.81 -0.27
CB DAL A 5 -2.98 -2.67 0.99
C DAL A 5 -1.58 -2.21 -1.00
O DAL A 5 -0.69 -2.84 -0.43
H DAL A 5 -1.94 -0.04 0.51
HA DAL A 5 -3.70 -1.98 -0.92
HB1 DAL A 5 -4.03 -2.89 1.16
HB2 DAL A 5 -2.44 -3.61 0.86
HB3 DAL A 5 -2.58 -2.13 1.85
N DPR A 6 -1.49 -1.81 -2.26
CA DPR A 6 -0.30 -2.13 -3.09
CB DPR A 6 -0.69 -1.83 -4.52
CG DPR A 6 -1.64 -0.62 -4.34
CD DPR A 6 -2.44 -1.05 -3.08
C DPR A 6 0.09 -3.56 -2.88
O DPR A 6 -0.61 -4.48 -3.32
HA DPR A 6 0.52 -1.47 -2.81
HB2 DPR A 6 0.18 -1.56 -5.13
HB3 DPR A 6 -1.22 -2.68 -4.98
HG2 DPR A 6 -1.07 0.29 -4.15
HG3 DPR A 6 -2.29 -0.50 -5.21
HD2 DPR A 6 -3.28 -1.68 -3.37
HD3 DPR A 6 -2.80 -0.17 -2.55
N MLU A 7 1.23 -3.78 -2.22
CN MLU A 7 1.84 -5.07 -1.88
CA MLU A 7 2.04 -2.66 -1.71
C MLU A 7 2.52 -2.98 -0.31
O MLU A 7 3.57 -3.59 -0.13
CB MLU A 7 3.24 -2.44 -2.62
CG MLU A 7 2.75 -2.01 -4.01
CD1 MLU A 7 2.50 -0.50 -4.01
CD2 MLU A 7 3.83 -2.35 -5.04
HCN1 MLU A 7 1.50 -5.39 -0.90
HCN2 MLU A 7 1.56 -5.81 -2.63
HCN3 MLU A 7 2.92 -4.96 -1.86
HA MLU A 7 1.42 -1.75 -1.68
HB2 MLU A 7 3.88 -1.66 -2.21
HB3 MLU A 7 3.80 -3.37 -2.70
HG MLU A 7 1.84 -2.54 -4.25
HD11 MLU A 7 2.12 -0.19 -3.03
HD12 MLU A 7 3.44 0.03 -4.22
HD13 MLU A 7 1.77 -0.26 -4.78
HD21 MLU A 7 3.36 -2.84 -5.90
HD22 MLU A 7 4.32 -1.43 -5.37
HD23 MLU A 7 4.56 -3.03 -4.61
N DVA A 8 1.73 -2.57 0.69
CA DVA A 8 2.08 -2.83 2.09
CB DVA A 8 1.05 -3.76 2.71
CG1 DVA A 8 -0.32 -3.08 2.71
CG2 DVA A 8 0.97 -5.05 1.90
C DVA A 8 2.11 -1.52 2.84
O DVA A 8 2.93 -1.32 3.74
H DVA A 8 0.90 -2.09 0.47
HA DVA A 8 3.07 -3.29 2.14
HB DVA A 8 1.34 -3.99 3.73
HG11 DVA A 8 -1.11 -3.82 2.76
HG12 DVA A 8 -0.39 -2.42 3.59
HG13 DVA A 8 -0.43 -2.49 1.81
HG21 DVA A 8 0.81 -5.89 2.57
HG22 DVA A 8 0.14 -4.99 1.20
HG23 DVA A 8 1.90 -5.19 1.35
N DAL A 1 1.22 -0.56 2.49
CA DAL A 1 1.10 0.76 3.14
CB DAL A 1 -0.13 0.76 4.07
C DAL A 1 0.92 1.82 2.08
O DAL A 1 -0.18 2.33 1.87
H1 DAL A 1 0.56 -0.82 1.81
HA DAL A 1 1.99 0.96 3.72
HB1 DAL A 1 0.19 0.53 5.08
HB2 DAL A 1 -0.59 1.74 4.05
HB3 DAL A 1 -0.83 0.01 3.73
N DPR A 2 2.02 2.17 1.41
CA DPR A 2 1.98 3.18 0.35
CB DPR A 2 3.42 3.56 0.07
CG DPR A 2 4.13 2.20 0.28
CD DPR A 2 3.39 1.66 1.53
C DPR A 2 1.16 4.36 0.81
O DPR A 2 1.58 5.12 1.69
HA DPR A 2 1.55 2.77 -0.56
HB2 DPR A 2 3.56 3.91 -0.96
HB3 DPR A 2 3.79 4.30 0.77
HG2 DPR A 2 3.97 1.53 -0.57
HG3 DPR A 2 5.19 2.33 0.47
HD2 DPR A 2 3.86 2.06 2.44
HD3 DPR A 2 3.41 0.58 1.55
N MLU A 3 -0.01 4.54 0.20
CN MLU A 3 -0.99 5.60 0.45
CA MLU A 3 -0.47 3.62 -0.85
C MLU A 3 -1.94 3.32 -0.64
O MLU A 3 -2.80 4.04 -1.14
CB MLU A 3 -0.27 4.27 -2.22
CG MLU A 3 1.22 4.48 -2.48
CD1 MLU A 3 1.83 3.19 -3.02
CD2 MLU A 3 1.42 5.61 -3.49
HCN1 MLU A 3 -0.48 6.49 0.81
HCN2 MLU A 3 -1.52 5.83 -0.48
HCN3 MLU A 3 -1.72 5.26 1.19
HA MLU A 3 0.10 2.70 -0.81
HB2 MLU A 3 -0.68 3.63 -3.00
HB3 MLU A 3 -0.78 5.24 -2.23
HG MLU A 3 1.72 4.75 -1.54
HD11 MLU A 3 1.04 2.45 -3.17
HD12 MLU A 3 2.33 3.39 -3.96
HD13 MLU A 3 2.55 2.80 -2.30
HD21 MLU A 3 0.79 6.45 -3.22
HD22 MLU A 3 2.46 5.91 -3.50
HD23 MLU A 3 1.13 5.25 -4.49
N DVA A 4 -2.22 2.26 0.09
CA DVA A 4 -3.59 1.85 0.37
CB DVA A 4 -3.87 1.97 1.86
CG1 DVA A 4 -2.97 1.02 2.64
CG2 DVA A 4 -3.60 3.41 2.32
C DVA A 4 -3.80 0.42 -0.06
O DVA A 4 -4.87 0.06 -0.55
H DVA A 4 -1.48 1.72 0.47
HA DVA A 4 -4.28 2.50 -0.18
HB DVA A 4 -4.92 1.73 2.06
HG11 DVA A 4 -2.85 1.37 3.66
HG12 DVA A 4 -3.41 0.02 2.65
HG13 DVA A 4 -1.99 0.97 2.16
HG21 DVA A 4 -4.16 3.62 3.24
HG22 DVA A 4 -2.54 3.53 2.50
HG23 DVA A 4 -3.93 4.10 1.54
N DAL A 5 -2.77 -0.40 0.11
CA DAL A 5 -2.84 -1.81 -0.27
CB DAL A 5 -2.98 -2.67 0.99
C DAL A 5 -1.58 -2.21 -1.00
O DAL A 5 -0.69 -2.83 -0.43
H DAL A 5 -1.94 -0.05 0.50
HA DAL A 5 -3.70 -1.98 -0.92
HB1 DAL A 5 -4.03 -2.89 1.16
HB2 DAL A 5 -2.44 -3.61 0.86
HB3 DAL A 5 -2.58 -2.13 1.85
N DPR A 6 -1.49 -1.81 -2.26
CA DPR A 6 -0.30 -2.13 -3.09
CB DPR A 6 -0.69 -1.83 -4.53
CG DPR A 6 -1.64 -0.62 -4.34
CD DPR A 6 -2.44 -1.05 -3.08
C DPR A 6 0.09 -3.56 -2.88
O DPR A 6 -0.61 -4.48 -3.32
HA DPR A 6 0.52 -1.47 -2.81
HB2 DPR A 6 0.18 -1.56 -5.13
HB3 DPR A 6 -1.22 -2.68 -4.98
HG2 DPR A 6 -1.07 0.29 -4.15
HG3 DPR A 6 -2.29 -0.50 -5.21
HD2 DPR A 6 -3.28 -1.68 -3.37
HD3 DPR A 6 -2.80 -0.17 -2.55
N MLU A 7 1.23 -3.78 -2.22
CN MLU A 7 1.84 -5.07 -1.88
CA MLU A 7 2.04 -2.66 -1.71
C MLU A 7 2.51 -2.98 -0.31
O MLU A 7 3.57 -3.59 -0.13
CB MLU A 7 3.24 -2.44 -2.62
CG MLU A 7 2.76 -2.02 -4.01
CD1 MLU A 7 2.50 -0.50 -4.01
CD2 MLU A 7 3.83 -2.35 -5.04
HCN1 MLU A 7 1.56 -5.81 -2.63
HCN2 MLU A 7 2.92 -4.96 -1.86
HCN3 MLU A 7 1.49 -5.39 -0.89
HA MLU A 7 1.42 -1.75 -1.68
HB2 MLU A 7 3.88 -1.66 -2.21
HB3 MLU A 7 3.81 -3.38 -2.70
HG MLU A 7 1.84 -2.54 -4.25
HD11 MLU A 7 2.80 -0.08 -3.05
HD12 MLU A 7 3.08 -0.04 -4.81
HD13 MLU A 7 1.44 -0.32 -4.18
HD21 MLU A 7 4.18 -3.37 -4.88
HD22 MLU A 7 3.39 -2.28 -6.05
HD23 MLU A 7 4.65 -1.65 -4.95
N DVA A 8 1.73 -2.57 0.69
CA DVA A 8 2.08 -2.83 2.09
CB DVA A 8 1.05 -3.75 2.72
CG1 DVA A 8 -0.33 -3.07 2.71
CG2 DVA A 8 0.97 -5.05 1.91
C DVA A 8 2.11 -1.52 2.84
O DVA A 8 2.94 -1.32 3.73
H DVA A 8 0.90 -2.09 0.47
HA DVA A 8 3.07 -3.29 2.14
HB DVA A 8 1.34 -3.99 3.73
HG11 DVA A 8 -1.11 -3.82 2.76
HG12 DVA A 8 -0.40 -2.42 3.59
HG13 DVA A 8 -0.43 -2.49 1.81
HG21 DVA A 8 0.57 -5.84 2.53
HG22 DVA A 8 0.31 -4.90 1.04
HG23 DVA A 8 1.97 -5.33 1.56
N DAL A 1 1.12 -0.59 2.59
CA DAL A 1 0.91 0.72 3.23
CB DAL A 1 -0.39 0.68 4.03
C DAL A 1 0.82 1.79 2.17
O DAL A 1 -0.27 2.25 1.84
H1 DAL A 1 0.40 -0.99 2.06
HA DAL A 1 1.74 0.94 3.90
HB1 DAL A 1 -1.21 0.37 3.39
HB2 DAL A 1 -0.30 -0.02 4.86
HB3 DAL A 1 -0.60 1.68 4.42
N DPR A 2 1.97 2.19 1.64
CA DPR A 2 2.02 3.22 0.59
CB DPR A 2 3.49 3.61 0.43
CG DPR A 2 4.23 2.97 1.63
CD DPR A 2 3.35 1.73 1.92
C DPR A 2 1.16 4.39 1.00
O DPR A 2 1.49 5.13 1.93
HA DPR A 2 1.66 2.81 -0.36
HB2 DPR A 2 3.86 3.21 -0.51
HB3 DPR A 2 3.58 4.70 0.45
HG2 DPR A 2 5.24 2.67 1.35
HG3 DPR A 2 4.26 3.65 2.48
HD2 DPR A 2 3.44 1.44 2.97
HD3 DPR A 2 3.62 0.91 1.27
N MLU A 3 0.05 4.58 0.29
CN MLU A 3 -0.96 5.63 0.47
CA MLU A 3 -0.32 3.68 -0.81
C MLU A 3 -1.79 3.37 -0.74
O MLU A 3 -2.62 4.12 -1.26
CB MLU A 3 -0.01 4.36 -2.15
CG MLU A 3 1.50 4.59 -2.26
CD1 MLU A 3 2.17 3.31 -2.77
CD2 MLU A 3 1.77 5.73 -3.25
HCN1 MLU A 3 -0.49 6.51 0.91
HCN2 MLU A 3 -1.39 5.89 -0.50
HCN3 MLU A 3 -1.75 5.27 1.13
HA MLU A 3 0.25 2.76 -0.74
HB2 MLU A 3 -0.35 3.72 -2.97
HB3 MLU A 3 -0.53 5.32 -2.19
HG MLU A 3 1.90 4.85 -1.29
HD11 MLU A 3 2.17 3.31 -3.86
HD12 MLU A 3 3.20 3.26 -2.40
HD13 MLU A 3 1.62 2.44 -2.41
HD21 MLU A 3 2.70 6.24 -2.97
HD22 MLU A 3 1.86 5.33 -4.25
HD23 MLU A 3 0.94 6.44 -3.21
N DVA A 4 -2.13 2.25 -0.10
CA DVA A 4 -3.52 1.84 0.04
CB DVA A 4 -3.96 2.01 1.50
CG1 DVA A 4 -3.85 3.48 1.90
CG2 DVA A 4 -5.42 1.56 1.65
C DVA A 4 -3.67 0.40 -0.35
O DVA A 4 -4.52 0.05 -1.16
H DVA A 4 -1.41 1.70 0.29
HA DVA A 4 -4.15 2.45 -0.59
HB DVA A 4 -3.33 1.40 2.15
HG11 DVA A 4 -2.97 3.61 2.53
HG12 DVA A 4 -3.75 4.10 1.01
HG13 DVA A 4 -4.73 3.78 2.45
HG21 DVA A 4 -5.48 0.49 1.48
HG22 DVA A 4 -5.76 1.78 2.67
HG23 DVA A 4 -6.04 2.08 0.93
N DAL A 5 -2.82 -0.45 0.22
CA DAL A 5 -2.85 -1.90 -0.08
CB DAL A 5 -2.87 -2.69 1.22
C DAL A 5 -1.61 -2.27 -0.87
O DAL A 5 -0.65 -2.80 -0.33
H DAL A 5 -2.16 -0.11 0.86
HA DAL A 5 -3.74 -2.12 -0.66
HB1 DAL A 5 -2.04 -2.37 1.85
HB2 DAL A 5 -3.81 -2.51 1.74
HB3 DAL A 5 -2.78 -3.75 1.00
N DPR A 6 -1.64 -1.97 -2.17
CA DPR A 6 -0.51 -2.28 -3.06
CB DPR A 6 -0.99 -2.06 -4.49
CG DPR A 6 -2.53 -1.92 -4.40
CD DPR A 6 -2.70 -1.32 -2.98
C DPR A 6 -0.04 -3.69 -2.83
O DPR A 6 -0.74 -4.65 -3.17
HA DPR A 6 0.31 -1.58 -2.86
HB2 DPR A 6 -0.54 -1.15 -4.89
HB3 DPR A 6 -0.72 -2.93 -5.10
HG2 DPR A 6 -2.90 -1.22 -5.15
HG3 DPR A 6 -3.02 -2.88 -4.49
HD2 DPR A 6 -3.69 -1.58 -2.57
HD3 DPR A 6 -2.57 -0.25 -2.99
N MLU A 7 1.14 -3.84 -2.24
CN MLU A 7 1.83 -5.10 -1.90
CA MLU A 7 1.95 -2.68 -1.84
C MLU A 7 2.54 -2.91 -0.48
O MLU A 7 3.61 -3.52 -0.35
CB MLU A 7 3.08 -2.47 -2.86
CG MLU A 7 2.48 -2.12 -4.22
CD1 MLU A 7 2.17 -0.63 -4.27
CD2 MLU A 7 3.48 -2.47 -5.32
HCN1 MLU A 7 1.50 -5.88 -2.58
HCN2 MLU A 7 2.90 -4.96 -1.98
HCN3 MLU A 7 1.58 -5.38 -0.87
HA MLU A 7 1.32 -1.79 -1.82
HB2 MLU A 7 3.72 -1.65 -2.52
HB3 MLU A 7 3.67 -3.39 -2.94
HG MLU A 7 1.56 -2.70 -4.38
HD11 MLU A 7 3.05 -0.09 -4.61
HD12 MLU A 7 1.34 -0.46 -4.97
HD13 MLU A 7 1.88 -0.28 -3.28
HD21 MLU A 7 2.95 -2.74 -6.23
HD22 MLU A 7 4.12 -1.62 -5.51
HD23 MLU A 7 4.09 -3.32 -5.01
N DVA A 8 1.85 -2.45 0.56
CA DVA A 8 2.31 -2.61 1.94
CB DVA A 8 1.40 -3.60 2.67
CG1 DVA A 8 1.44 -4.96 1.97
CG2 DVA A 8 1.86 -3.74 4.12
C DVA A 8 2.28 -1.28 2.64
O DVA A 8 3.28 -0.86 3.22
H DVA A 8 0.99 -1.98 0.39
HA DVA A 8 3.33 -3.00 1.94
HB DVA A 8 0.37 -3.21 2.65
HG11 DVA A 8 0.52 -5.11 1.41
HG12 DVA A 8 2.29 -4.99 1.30
HG13 DVA A 8 1.54 -5.74 2.72
HG21 DVA A 8 1.71 -2.81 4.64
HG22 DVA A 8 1.29 -4.54 4.61
HG23 DVA A 8 2.92 -4.01 4.13
N DAL A 1 1.12 -0.59 2.59
CA DAL A 1 0.90 0.71 3.23
CB DAL A 1 -0.41 0.68 4.03
C DAL A 1 0.81 1.78 2.18
O DAL A 1 -0.28 2.24 1.84
H1 DAL A 1 0.41 -0.99 2.06
HA DAL A 1 1.73 0.94 3.91
HB1 DAL A 1 -1.14 0.06 3.50
HB2 DAL A 1 -0.22 0.23 5.01
HB3 DAL A 1 -0.78 1.69 4.14
N DPR A 2 1.96 2.18 1.65
CA DPR A 2 2.01 3.22 0.60
CB DPR A 2 3.49 3.61 0.44
CG DPR A 2 4.22 2.97 1.64
CD DPR A 2 3.34 1.73 1.93
C DPR A 2 1.16 4.39 1.00
O DPR A 2 1.48 5.12 1.94
HA DPR A 2 1.66 2.81 -0.36
HB2 DPR A 2 3.85 3.21 -0.50
HB3 DPR A 2 3.57 4.70 0.46
HG2 DPR A 2 5.23 2.67 1.36
HG3 DPR A 2 4.24 3.65 2.49
HD2 DPR A 2 3.43 1.44 2.98
HD3 DPR A 2 3.62 0.90 1.28
N MLU A 3 0.04 4.58 0.30
CN MLU A 3 -0.96 5.63 0.47
CA MLU A 3 -0.32 3.69 -0.82
C MLU A 3 -1.79 3.37 -0.74
O MLU A 3 -2.62 4.12 -1.27
CB MLU A 3 0.00 4.37 -2.14
CG MLU A 3 1.51 4.59 -2.26
CD1 MLU A 3 2.18 3.31 -2.76
CD2 MLU A 3 1.78 5.74 -3.24
HCN1 MLU A 3 -0.49 6.51 0.91
HCN2 MLU A 3 -1.38 5.90 -0.49
HCN3 MLU A 3 -1.76 5.27 1.13
HA MLU A 3 0.25 2.76 -0.74
HB2 MLU A 3 -0.34 3.74 -2.97
HB3 MLU A 3 -0.52 5.33 -2.20
HG MLU A 3 1.90 4.85 -1.28
HD11 MLU A 3 1.62 2.45 -2.40
HD12 MLU A 3 2.18 3.32 -3.86
HD13 MLU A 3 3.21 3.28 -2.41
HD21 MLU A 3 1.03 5.73 -4.02
HD22 MLU A 3 1.73 6.69 -2.70
HD23 MLU A 3 2.77 5.61 -3.67
N DVA A 4 -2.13 2.26 -0.11
CA DVA A 4 -3.52 1.84 0.04
CB DVA A 4 -3.96 2.02 1.49
CG1 DVA A 4 -3.85 3.49 1.89
CG2 DVA A 4 -5.42 1.57 1.64
C DVA A 4 -3.66 0.40 -0.36
O DVA A 4 -4.52 0.04 -1.17
H DVA A 4 -1.42 1.71 0.29
HA DVA A 4 -4.16 2.46 -0.60
HB DVA A 4 -3.33 1.41 2.14
HG11 DVA A 4 -2.98 3.63 2.52
HG12 DVA A 4 -3.75 4.11 0.99
HG13 DVA A 4 -4.74 3.79 2.43
HG21 DVA A 4 -5.82 1.91 2.60
HG22 DVA A 4 -6.02 1.98 0.83
HG23 DVA A 4 -5.47 0.48 1.60
N DAL A 5 -2.82 -0.45 0.22
CA DAL A 5 -2.84 -1.89 -0.08
CB DAL A 5 -2.87 -2.69 1.23
C DAL A 5 -1.62 -2.26 -0.87
O DAL A 5 -0.65 -2.80 -0.33
H DAL A 5 -2.15 -0.11 0.86
HA DAL A 5 -3.74 -2.12 -0.66
HB1 DAL A 5 -2.26 -2.17 1.98
HB2 DAL A 5 -3.88 -2.77 1.59
HB3 DAL A 5 -2.46 -3.68 1.06
N DPR A 6 -1.64 -1.97 -2.17
CA DPR A 6 -0.51 -2.28 -3.06
CB DPR A 6 -0.99 -2.07 -4.49
CG DPR A 6 -2.53 -1.92 -4.40
CD DPR A 6 -2.71 -1.33 -2.97
C DPR A 6 -0.05 -3.70 -2.82
O DPR A 6 -0.75 -4.65 -3.16
HA DPR A 6 0.31 -1.58 -2.86
HB2 DPR A 6 -0.54 -1.15 -4.89
HB3 DPR A 6 -0.73 -2.93 -5.09
HG2 DPR A 6 -2.91 -1.23 -5.15
HG3 DPR A 6 -3.03 -2.89 -4.47
HD2 DPR A 6 -3.69 -1.59 -2.58
HD3 DPR A 6 -2.57 -0.25 -2.99
N MLU A 7 1.14 -3.84 -2.24
CN MLU A 7 1.82 -5.10 -1.89
CA MLU A 7 1.95 -2.68 -1.84
C MLU A 7 2.55 -2.92 -0.48
O MLU A 7 3.62 -3.51 -0.35
CB MLU A 7 3.08 -2.47 -2.86
CG MLU A 7 2.47 -2.13 -4.23
CD1 MLU A 7 2.16 -0.63 -4.28
CD2 MLU A 7 3.47 -2.49 -5.33
HCN1 MLU A 7 1.49 -5.89 -2.57
HCN2 MLU A 7 2.90 -4.96 -1.98
HCN3 MLU A 7 1.58 -5.38 -0.87
HA MLU A 7 1.32 -1.79 -1.82
HB2 MLU A 7 3.72 -1.66 -2.54
HB3 MLU A 7 3.66 -3.39 -2.95
HG MLU A 7 1.55 -2.69 -4.37
HD11 MLU A 7 1.87 -0.29 -3.29
HD12 MLU A 7 3.05 -0.09 -4.61
HD13 MLU A 7 1.34 -0.47 -4.97
HD21 MLU A 7 4.49 -2.31 -4.97
HD22 MLU A 7 3.35 -3.53 -5.60
HD23 MLU A 7 3.28 -1.86 -6.21
N DVA A 8 1.85 -2.45 0.55
CA DVA A 8 2.32 -2.62 1.93
CB DVA A 8 1.41 -3.60 2.66
CG1 DVA A 8 1.46 -4.96 1.97
CG2 DVA A 8 1.88 -3.75 4.11
C DVA A 8 2.29 -1.29 2.64
O DVA A 8 3.28 -0.86 3.22
H DVA A 8 1.01 -1.98 0.38
HA DVA A 8 3.34 -3.00 1.92
HB DVA A 8 0.39 -3.22 2.65
HG11 DVA A 8 0.54 -5.12 1.40
HG12 DVA A 8 2.32 -4.99 1.29
HG13 DVA A 8 1.57 -5.74 2.72
HG21 DVA A 8 1.40 -4.62 4.56
HG22 DVA A 8 2.97 -3.87 4.13
HG23 DVA A 8 1.60 -2.86 4.68
N DAL A 1 1.15 -0.94 2.39
CA DAL A 1 0.70 0.34 2.97
CB DAL A 1 -0.71 0.19 3.52
C DAL A 1 0.73 1.40 1.90
O DAL A 1 -0.15 1.43 1.03
H1 DAL A 1 0.49 -1.50 1.93
HA DAL A 1 1.39 0.63 3.77
HB1 DAL A 1 -0.74 -0.66 4.21
HB2 DAL A 1 -0.99 1.10 4.06
HB3 DAL A 1 -1.41 0.02 2.70
N DPR A 2 1.72 2.28 1.96
CA DPR A 2 1.85 3.37 0.98
CB DPR A 2 3.25 3.92 1.13
CG DPR A 2 3.46 3.79 2.66
CD DPR A 2 2.83 2.40 2.94
C DPR A 2 0.80 4.43 1.24
O DPR A 2 0.84 5.13 2.25
HA DPR A 2 1.73 2.98 -0.03
HB2 DPR A 2 3.98 3.32 0.58
HB3 DPR A 2 3.31 4.97 0.82
HG2 DPR A 2 4.52 3.78 2.91
HG3 DPR A 2 2.93 4.56 3.20
HD2 DPR A 2 2.45 2.34 3.96
HD3 DPR A 2 3.56 1.61 2.76
N MLU A 3 -0.16 4.54 0.32
CN MLU A 3 -1.30 5.48 0.32
CA MLU A 3 -0.18 3.69 -0.87
C MLU A 3 -1.60 3.22 -1.14
O MLU A 3 -2.12 3.38 -2.24
CB MLU A 3 0.32 4.48 -2.09
CG MLU A 3 1.78 4.88 -1.86
CD1 MLU A 3 2.70 3.71 -2.24
CD2 MLU A 3 2.12 6.10 -2.73
HCN1 MLU A 3 -1.60 5.68 -0.70
HCN2 MLU A 3 -2.13 5.03 0.87
HCN3 MLU A 3 -0.99 6.40 0.81
HA MLU A 3 0.46 2.82 -0.73
HB2 MLU A 3 0.24 3.87 -2.99
HB3 MLU A 3 -0.29 5.38 -2.21
HG MLU A 3 1.93 5.13 -0.80
HD11 MLU A 3 3.57 3.70 -1.59
HD12 MLU A 3 2.15 2.78 -2.14
HD13 MLU A 3 3.01 3.83 -3.28
HD21 MLU A 3 2.79 5.80 -3.52
HD22 MLU A 3 1.20 6.50 -3.15
HD23 MLU A 3 2.59 6.86 -2.11
N DVA A 4 -2.21 2.64 -0.12
CA DVA A 4 -3.59 2.14 -0.24
CB DVA A 4 -4.36 2.44 1.06
CG1 DVA A 4 -4.45 3.96 1.25
CG2 DVA A 4 -5.76 1.85 0.96
C DVA A 4 -3.57 0.66 -0.48
O DVA A 4 -4.28 0.14 -1.35
H DVA A 4 -1.74 2.54 0.74
HA DVA A 4 -4.08 2.64 -1.07
HB DVA A 4 -3.82 1.99 1.90
HG11 DVA A 4 -5.41 4.20 1.70
HG12 DVA A 4 -3.65 4.28 1.91
HG13 DVA A 4 -4.35 4.46 0.30
HG21 DVA A 4 -5.91 1.42 -0.02
HG22 DVA A 4 -5.89 1.09 1.73
HG23 DVA A 4 -6.50 2.64 1.12
N DAL A 5 -2.76 -0.05 0.31
CA DAL A 5 -2.64 -1.51 0.17
CB DAL A 5 -2.44 -2.13 1.56
C DAL A 5 -1.46 -1.84 -0.71
O DAL A 5 -0.31 -1.70 -0.30
H DAL A 5 -2.22 0.42 0.98
HA DAL A 5 -3.55 -1.91 -0.27
HB1 DAL A 5 -3.23 -1.80 2.21
HB2 DAL A 5 -2.47 -3.23 1.48
HB3 DAL A 5 -1.47 -1.82 1.96
N DPR A 6 -1.74 -2.30 -1.93
CA DPR A 6 -0.68 -2.66 -2.88
CB DPR A 6 -1.35 -2.75 -4.25
CG DPR A 6 -2.73 -3.33 -3.86
CD DPR A 6 -3.05 -2.53 -2.57
C DPR A 6 -0.04 -3.96 -2.47
O DPR A 6 -0.67 -5.01 -2.53
HA DPR A 6 0.06 -1.87 -2.92
HB2 DPR A 6 -1.46 -1.77 -4.70
HB3 DPR A 6 -0.82 -3.44 -4.90
HG2 DPR A 6 -3.47 -3.14 -4.63
HG3 DPR A 6 -2.66 -4.40 -3.64
HD2 DPR A 6 -3.70 -3.11 -1.91
HD3 DPR A 6 -3.52 -1.57 -2.82
N MLU A 7 1.21 -3.89 -2.04
CN MLU A 7 2.06 -5.00 -1.58
CA MLU A 7 1.93 -2.62 -1.98
C MLU A 7 2.71 -2.54 -0.69
O MLU A 7 3.92 -2.29 -0.70
CB MLU A 7 2.89 -2.51 -3.16
CG MLU A 7 2.09 -2.48 -4.47
CD1 MLU A 7 1.59 -1.07 -4.74
CD2 MLU A 7 2.98 -2.95 -5.63
HCN1 MLU A 7 3.10 -4.75 -1.77
HCN2 MLU A 7 1.91 -5.16 -0.51
HCN3 MLU A 7 1.80 -5.90 -2.13
HA MLU A 7 1.22 -1.79 -2.02
HB2 MLU A 7 3.47 -1.58 -3.08
HB3 MLU A 7 3.57 -3.36 -3.16
HG MLU A 7 1.23 -3.16 -4.38
HD11 MLU A 7 0.62 -1.11 -5.23
HD12 MLU A 7 1.50 -0.53 -3.79
HD13 MLU A 7 2.31 -0.55 -5.39
HD21 MLU A 7 3.20 -2.10 -6.27
HD22 MLU A 7 3.92 -3.34 -5.22
HD23 MLU A 7 2.48 -3.72 -6.19
N DVA A 8 2.02 -2.77 0.42
CA DVA A 8 2.67 -2.73 1.74
CB DVA A 8 2.08 -3.83 2.63
CG1 DVA A 8 2.40 -5.19 2.02
CG2 DVA A 8 2.69 -3.73 4.03
C DVA A 8 2.42 -1.39 2.39
O DVA A 8 3.34 -0.77 2.92
H DVA A 8 1.07 -2.97 0.36
HA DVA A 8 3.74 -2.88 1.64
HB DVA A 8 1.00 -3.71 2.70
HG11 DVA A 8 2.58 -5.91 2.82
HG12 DVA A 8 1.56 -5.53 1.42
HG13 DVA A 8 3.29 -5.12 1.39
HG21 DVA A 8 3.44 -2.95 4.05
HG22 DVA A 8 1.91 -3.52 4.76
HG23 DVA A 8 3.17 -4.68 4.28
N DAL A 1 1.15 -0.94 2.39
CA DAL A 1 0.70 0.34 2.97
CB DAL A 1 -0.72 0.19 3.52
C DAL A 1 0.73 1.40 1.90
O DAL A 1 -0.15 1.43 1.03
H1 DAL A 1 0.49 -1.50 1.93
HA DAL A 1 1.38 0.62 3.78
HB1 DAL A 1 -0.75 -0.68 4.18
HB2 DAL A 1 -0.99 1.08 4.08
HB3 DAL A 1 -1.41 0.03 2.69
N DPR A 2 1.71 2.29 1.97
CA DPR A 2 1.84 3.38 0.99
CB DPR A 2 3.25 3.93 1.14
CG DPR A 2 3.45 3.78 2.67
CD DPR A 2 2.82 2.39 2.93
C DPR A 2 0.79 4.43 1.24
O DPR A 2 0.84 5.12 2.26
HA DPR A 2 1.74 2.98 -0.03
HB2 DPR A 2 3.97 3.33 0.59
HB3 DPR A 2 3.30 4.97 0.84
HG2 DPR A 2 4.51 3.79 2.92
HG3 DPR A 2 2.92 4.56 3.21
HD2 DPR A 2 2.44 2.34 3.95
HD3 DPR A 2 3.55 1.60 2.76
N MLU A 3 -0.16 4.54 0.32
CN MLU A 3 -1.30 5.48 0.32
CA MLU A 3 -0.18 3.69 -0.87
C MLU A 3 -1.59 3.23 -1.14
O MLU A 3 -2.11 3.39 -2.24
CB MLU A 3 0.32 4.49 -2.08
CG MLU A 3 1.79 4.88 -1.85
CD1 MLU A 3 2.70 3.71 -2.24
CD2 MLU A 3 2.12 6.11 -2.71
HCN1 MLU A 3 -2.13 5.03 0.87
HCN2 MLU A 3 -1.00 6.41 0.82
HCN3 MLU A 3 -1.60 5.68 -0.70
HA MLU A 3 0.46 2.83 -0.72
HB2 MLU A 3 0.25 3.89 -2.98
HB3 MLU A 3 -0.28 5.39 -2.19
HG MLU A 3 1.94 5.13 -0.80
HD11 MLU A 3 3.06 3.86 -3.26
HD12 MLU A 3 3.54 3.67 -1.56
HD13 MLU A 3 2.13 2.78 -2.19
HD21 MLU A 3 2.60 5.78 -3.63
HD22 MLU A 3 1.22 6.65 -2.94
HD23 MLU A 3 2.80 6.76 -2.16
N DVA A 4 -2.22 2.65 -0.13
CA DVA A 4 -3.59 2.14 -0.25
CB DVA A 4 -4.37 2.45 1.03
CG1 DVA A 4 -4.46 3.97 1.23
CG2 DVA A 4 -5.77 1.85 0.94
C DVA A 4 -3.57 0.66 -0.48
O DVA A 4 -4.28 0.14 -1.35
H DVA A 4 -1.75 2.54 0.73
HA DVA A 4 -4.08 2.64 -1.08
HB DVA A 4 -3.84 2.01 1.89
HG11 DVA A 4 -4.02 4.47 0.36
HG12 DVA A 4 -5.51 4.25 1.32
HG13 DVA A 4 -3.93 4.26 2.13
HG21 DVA A 4 -5.77 0.86 1.39
HG22 DVA A 4 -6.47 2.50 1.47
HG23 DVA A 4 -6.06 1.79 -0.11
N DAL A 5 -2.75 -0.04 0.30
CA DAL A 5 -2.64 -1.51 0.18
CB DAL A 5 -2.43 -2.13 1.56
C DAL A 5 -1.46 -1.85 -0.70
O DAL A 5 -0.31 -1.70 -0.30
H DAL A 5 -2.21 0.42 0.97
HA DAL A 5 -3.55 -1.91 -0.27
HB1 DAL A 5 -3.21 -1.77 2.24
HB2 DAL A 5 -2.47 -3.21 1.49
HB3 DAL A 5 -1.45 -1.81 1.95
N DPR A 6 -1.75 -2.30 -1.92
CA DPR A 6 -0.69 -2.66 -2.87
CB DPR A 6 -1.35 -2.76 -4.24
CG DPR A 6 -2.74 -3.34 -3.84
CD DPR A 6 -3.06 -2.53 -2.56
C DPR A 6 -0.05 -3.96 -2.46
O DPR A 6 -0.67 -5.02 -2.53
HA DPR A 6 0.06 -1.87 -2.92
HB2 DPR A 6 -1.46 -1.78 -4.70
HB3 DPR A 6 -0.83 -3.45 -4.90
HG2 DPR A 6 -3.48 -3.15 -4.61
HG3 DPR A 6 -2.67 -4.41 -3.63
HD2 DPR A 6 -3.70 -3.11 -1.90
HD3 DPR A 6 -3.53 -1.58 -2.82
N MLU A 7 1.21 -3.89 -2.04
CN MLU A 7 2.06 -5.01 -1.58
CA MLU A 7 1.93 -2.62 -1.98
C MLU A 7 2.71 -2.54 -0.70
O MLU A 7 3.92 -2.29 -0.70
CB MLU A 7 2.89 -2.51 -3.17
CG MLU A 7 2.09 -2.49 -4.47
CD1 MLU A 7 1.59 -1.07 -4.74
CD2 MLU A 7 2.97 -2.95 -5.62
HCN1 MLU A 7 1.91 -5.16 -0.51
HCN2 MLU A 7 1.79 -5.91 -2.12
HCN3 MLU A 7 3.10 -4.76 -1.77
HA MLU A 7 1.22 -1.79 -2.02
HB2 MLU A 7 3.47 -1.60 -3.09
HB3 MLU A 7 3.56 -3.38 -3.17
HG MLU A 7 1.23 -3.17 -4.38
HD11 MLU A 7 2.27 -0.57 -5.42
HD12 MLU A 7 0.60 -1.10 -5.19
HD13 MLU A 7 1.54 -0.52 -3.80
HD21 MLU A 7 3.37 -2.08 -6.14
HD22 MLU A 7 3.79 -3.56 -5.23
HD23 MLU A 7 2.38 -3.55 -6.33
N DVA A 8 2.03 -2.77 0.42
CA DVA A 8 2.67 -2.72 1.74
CB DVA A 8 2.10 -3.83 2.63
CG1 DVA A 8 2.43 -5.19 2.02
CG2 DVA A 8 2.71 -3.73 4.03
C DVA A 8 2.43 -1.38 2.38
O DVA A 8 3.35 -0.77 2.91
H DVA A 8 1.07 -2.96 0.37
HA DVA A 8 3.75 -2.88 1.62
HB DVA A 8 1.01 -3.71 2.69
HG11 DVA A 8 3.04 -5.06 1.13
HG12 DVA A 8 2.97 -5.79 2.76
HG13 DVA A 8 1.50 -5.70 1.76
HG21 DVA A 8 2.06 -3.14 4.66
HG22 DVA A 8 2.82 -4.73 4.45
HG23 DVA A 8 3.69 -3.25 3.97
N DAL A 1 1.15 -0.94 2.39
CA DAL A 1 0.70 0.34 2.97
CB DAL A 1 -0.72 0.19 3.52
C DAL A 1 0.72 1.40 1.91
O DAL A 1 -0.15 1.43 1.03
H1 DAL A 1 0.49 -1.50 1.93
HA DAL A 1 1.38 0.62 3.78
HB1 DAL A 1 -1.41 0.03 2.69
HB2 DAL A 1 -0.75 -0.67 4.20
HB3 DAL A 1 -0.99 1.09 4.06
N DPR A 2 1.71 2.29 1.97
CA DPR A 2 1.84 3.38 0.99
CB DPR A 2 3.24 3.93 1.15
CG DPR A 2 3.45 3.78 2.67
CD DPR A 2 2.82 2.39 2.95
C DPR A 2 0.79 4.43 1.24
O DPR A 2 0.83 5.12 2.26
HA DPR A 2 1.73 2.98 -0.02
HB2 DPR A 2 3.97 3.33 0.60
HB3 DPR A 2 3.30 4.98 0.85
HG2 DPR A 2 4.51 3.79 2.94
HG3 DPR A 2 2.91 4.56 3.21
HD2 DPR A 2 2.44 2.34 3.97
HD3 DPR A 2 3.56 1.61 2.77
N MLU A 3 -0.16 4.54 0.32
CN MLU A 3 -1.30 5.48 0.32
CA MLU A 3 -0.18 3.70 -0.87
C MLU A 3 -1.59 3.23 -1.14
O MLU A 3 -2.11 3.40 -2.24
CB MLU A 3 0.33 4.50 -2.07
CG MLU A 3 1.79 4.89 -1.84
CD1 MLU A 3 2.70 3.72 -2.24
CD2 MLU A 3 2.13 6.12 -2.70
HCN1 MLU A 3 -1.00 6.41 0.82
HCN2 MLU A 3 -1.60 5.68 -0.70
HCN3 MLU A 3 -2.13 5.03 0.87
HA MLU A 3 0.46 2.83 -0.72
HB2 MLU A 3 0.25 3.89 -2.98
HB3 MLU A 3 -0.27 5.40 -2.19
HG MLU A 3 1.94 5.12 -0.79
HD11 MLU A 3 3.09 3.89 -3.24
HD12 MLU A 3 3.53 3.66 -1.53
HD13 MLU A 3 2.13 2.79 -2.22
HD21 MLU A 3 1.31 6.84 -2.64
HD22 MLU A 3 3.05 6.57 -2.33
HD23 MLU A 3 2.27 5.80 -3.74
N DVA A 4 -2.21 2.64 -0.13
CA DVA A 4 -3.59 2.14 -0.25
CB DVA A 4 -4.37 2.45 1.03
CG1 DVA A 4 -4.46 3.96 1.22
CG2 DVA A 4 -5.77 1.85 0.93
C DVA A 4 -3.57 0.65 -0.48
O DVA A 4 -4.26 0.14 -1.35
H DVA A 4 -1.74 2.53 0.73
HA DVA A 4 -4.07 2.63 -1.10
HB DVA A 4 -3.84 2.00 1.88
HG11 DVA A 4 -3.90 4.26 2.11
HG12 DVA A 4 -4.04 4.46 0.35
HG13 DVA A 4 -5.51 4.24 1.33
HG21 DVA A 4 -5.74 0.80 1.20
HG22 DVA A 4 -6.44 2.38 1.61
HG23 DVA A 4 -6.13 1.96 -0.09
N DAL A 5 -2.75 -0.04 0.30
CA DAL A 5 -2.64 -1.51 0.18
CB DAL A 5 -2.43 -2.13 1.56
C DAL A 5 -1.46 -1.85 -0.70
O DAL A 5 -0.31 -1.70 -0.30
H DAL A 5 -2.22 0.43 0.97
HA DAL A 5 -3.55 -1.91 -0.27
HB1 DAL A 5 -1.46 -1.82 1.94
HB2 DAL A 5 -3.21 -1.77 2.24
HB3 DAL A 5 -2.47 -3.21 1.49
N DPR A 6 -1.75 -2.30 -1.92
CA DPR A 6 -0.69 -2.67 -2.88
CB DPR A 6 -1.36 -2.77 -4.24
CG DPR A 6 -2.74 -3.34 -3.83
CD DPR A 6 -3.06 -2.54 -2.55
C DPR A 6 -0.06 -3.97 -2.46
O DPR A 6 -0.68 -5.03 -2.52
HA DPR A 6 0.06 -1.88 -2.92
HB2 DPR A 6 -1.47 -1.79 -4.71
HB3 DPR A 6 -0.83 -3.45 -4.89
HG2 DPR A 6 -3.49 -3.16 -4.61
HG3 DPR A 6 -2.67 -4.41 -3.62
HD2 DPR A 6 -3.71 -3.11 -1.90
HD3 DPR A 6 -3.54 -1.59 -2.81
N MLU A 7 1.21 -3.89 -2.04
CN MLU A 7 2.06 -5.01 -1.58
CA MLU A 7 1.93 -2.62 -1.99
C MLU A 7 2.71 -2.54 -0.70
O MLU A 7 3.92 -2.29 -0.71
CB MLU A 7 2.88 -2.52 -3.17
CG MLU A 7 2.08 -2.50 -4.48
CD1 MLU A 7 1.59 -1.07 -4.74
CD2 MLU A 7 2.96 -2.96 -5.63
HCN1 MLU A 7 1.78 -5.92 -2.12
HCN2 MLU A 7 3.10 -4.76 -1.77
HCN3 MLU A 7 1.91 -5.16 -0.51
HA MLU A 7 1.21 -1.80 -2.02
HB2 MLU A 7 3.47 -1.60 -3.09
HB3 MLU A 7 3.55 -3.38 -3.18
HG MLU A 7 1.23 -3.17 -4.38
HD11 MLU A 7 2.26 -0.58 -5.45
HD12 MLU A 7 0.58 -1.11 -5.16
HD13 MLU A 7 1.57 -0.51 -3.81
HD21 MLU A 7 3.55 -3.82 -5.31
HD22 MLU A 7 2.34 -3.23 -6.48
HD23 MLU A 7 3.64 -2.15 -5.91
N DVA A 8 2.02 -2.76 0.42
CA DVA A 8 2.68 -2.72 1.74
CB DVA A 8 2.10 -3.83 2.63
CG1 DVA A 8 2.43 -5.19 2.03
CG2 DVA A 8 2.72 -3.72 4.03
C DVA A 8 2.43 -1.38 2.38
O DVA A 8 3.34 -0.75 2.92
H DVA A 8 1.07 -2.96 0.37
HA DVA A 8 3.75 -2.87 1.62
HB DVA A 8 1.02 -3.70 2.70
HG11 DVA A 8 1.51 -5.69 1.73
HG12 DVA A 8 3.07 -5.05 1.15
HG13 DVA A 8 2.95 -5.79 2.76
HG21 DVA A 8 2.16 -2.99 4.61
HG22 DVA A 8 2.67 -4.70 4.51
HG23 DVA A 8 3.76 -3.40 3.95
N DAL A 1 1.15 -0.94 2.39
CA DAL A 1 0.70 0.34 2.97
CB DAL A 1 -0.72 0.19 3.52
C DAL A 1 0.72 1.40 1.91
O DAL A 1 -0.15 1.43 1.03
H1 DAL A 1 0.49 -1.50 1.93
HA DAL A 1 1.38 0.62 3.78
HB1 DAL A 1 -1.40 0.03 2.69
HB2 DAL A 1 -0.75 -0.67 4.20
HB3 DAL A 1 -0.99 1.09 4.07
N DPR A 2 1.71 2.29 1.98
CA DPR A 2 1.84 3.38 0.99
CB DPR A 2 3.24 3.93 1.15
CG DPR A 2 3.45 3.78 2.67
CD DPR A 2 2.82 2.39 2.95
C DPR A 2 0.79 4.43 1.24
O DPR A 2 0.83 5.13 2.26
HA DPR A 2 1.73 2.98 -0.02
HB2 DPR A 2 3.97 3.33 0.60
HB3 DPR A 2 3.30 4.98 0.85
HG2 DPR A 2 4.51 3.79 2.94
HG3 DPR A 2 2.91 4.56 3.21
HD2 DPR A 2 2.44 2.34 3.97
HD3 DPR A 2 3.56 1.61 2.77
N MLU A 3 -0.16 4.54 0.32
CN MLU A 3 -1.30 5.48 0.32
CA MLU A 3 -0.18 3.70 -0.87
C MLU A 3 -1.59 3.23 -1.14
O MLU A 3 -2.11 3.40 -2.25
CB MLU A 3 0.33 4.50 -2.07
CG MLU A 3 1.79 4.89 -1.84
CD1 MLU A 3 2.70 3.73 -2.23
CD2 MLU A 3 2.13 6.12 -2.70
HCN1 MLU A 3 -1.59 5.69 -0.70
HCN2 MLU A 3 -2.13 5.03 0.86
HCN3 MLU A 3 -1.00 6.41 0.82
HA MLU A 3 0.46 2.83 -0.72
HB2 MLU A 3 0.25 3.89 -2.98
HB3 MLU A 3 -0.28 5.39 -2.19
HG MLU A 3 1.93 5.14 -0.78
HD11 MLU A 3 3.04 3.86 -3.26
HD12 MLU A 3 3.57 3.70 -1.57
HD13 MLU A 3 2.15 2.79 -2.14
HD21 MLU A 3 1.90 7.03 -2.14
HD22 MLU A 3 3.19 6.10 -2.95
HD23 MLU A 3 1.54 6.09 -3.61
N DVA A 4 -2.21 2.64 -0.13
CA DVA A 4 -3.59 2.14 -0.25
CB DVA A 4 -4.37 2.45 1.03
CG1 DVA A 4 -4.46 3.97 1.21
CG2 DVA A 4 -5.77 1.85 0.93
C DVA A 4 -3.56 0.65 -0.49
O DVA A 4 -4.26 0.15 -1.36
H DVA A 4 -1.74 2.53 0.73
HA DVA A 4 -4.07 2.63 -1.10
HB DVA A 4 -3.84 2.00 1.88
HG11 DVA A 4 -3.80 4.27 2.03
HG12 DVA A 4 -4.18 4.46 0.30
HG13 DVA A 4 -5.49 4.22 1.47
HG21 DVA A 4 -6.42 2.35 1.64
HG22 DVA A 4 -6.15 2.00 -0.08
HG23 DVA A 4 -5.73 0.78 1.15
N DAL A 5 -2.75 -0.04 0.30
CA DAL A 5 -2.64 -1.51 0.18
CB DAL A 5 -2.43 -2.13 1.56
C DAL A 5 -1.47 -1.84 -0.70
O DAL A 5 -0.31 -1.70 -0.30
H DAL A 5 -2.22 0.42 0.98
HA DAL A 5 -3.55 -1.91 -0.26
HB1 DAL A 5 -1.46 -1.83 1.95
HB2 DAL A 5 -3.22 -1.78 2.23
HB3 DAL A 5 -2.47 -3.21 1.49
N DPR A 6 -1.75 -2.30 -1.92
CA DPR A 6 -0.69 -2.67 -2.88
CB DPR A 6 -1.36 -2.77 -4.24
CG DPR A 6 -2.74 -3.34 -3.83
CD DPR A 6 -3.06 -2.54 -2.55
C DPR A 6 -0.06 -3.97 -2.46
O DPR A 6 -0.68 -5.03 -2.52
HA DPR A 6 0.06 -1.88 -2.92
HB2 DPR A 6 -1.47 -1.79 -4.71
HB3 DPR A 6 -0.83 -3.45 -4.89
HG2 DPR A 6 -3.48 -3.16 -4.62
HG3 DPR A 6 -2.67 -4.41 -3.62
HD2 DPR A 6 -3.71 -3.11 -1.90
HD3 DPR A 6 -3.53 -1.58 -2.82
N MLU A 7 1.21 -3.89 -2.04
CN MLU A 7 2.06 -5.01 -1.58
CA MLU A 7 1.93 -2.62 -1.99
C MLU A 7 2.71 -2.54 -0.70
O MLU A 7 3.92 -2.29 -0.71
CB MLU A 7 2.88 -2.52 -3.17
CG MLU A 7 2.07 -2.51 -4.47
CD1 MLU A 7 1.58 -1.08 -4.75
CD2 MLU A 7 2.97 -2.96 -5.63
HCN1 MLU A 7 3.10 -4.76 -1.77
HCN2 MLU A 7 1.91 -5.16 -0.51
HCN3 MLU A 7 1.78 -5.92 -2.12
HA MLU A 7 1.21 -1.80 -2.02
HB2 MLU A 7 3.46 -1.60 -3.09
HB3 MLU A 7 3.56 -3.38 -3.17
HG MLU A 7 1.22 -3.18 -4.38
HD11 MLU A 7 2.29 -0.57 -5.40
HD12 MLU A 7 0.60 -1.13 -5.23
HD13 MLU A 7 1.50 -0.54 -3.81
HD21 MLU A 7 2.91 -4.05 -5.73
HD22 MLU A 7 2.63 -2.50 -6.55
HD23 MLU A 7 4.00 -2.67 -5.44
N DVA A 8 2.03 -2.76 0.42
CA DVA A 8 2.68 -2.72 1.74
CB DVA A 8 2.11 -3.82 2.63
CG1 DVA A 8 2.43 -5.19 2.03
CG2 DVA A 8 2.72 -3.72 4.03
C DVA A 8 2.43 -1.38 2.37
O DVA A 8 3.34 -0.75 2.92
H DVA A 8 1.07 -2.96 0.37
HA DVA A 8 3.75 -2.87 1.62
HB DVA A 8 1.02 -3.70 2.70
HG11 DVA A 8 1.53 -5.63 1.61
HG12 DVA A 8 3.17 -5.07 1.23
HG13 DVA A 8 2.84 -5.84 2.80
HG21 DVA A 8 2.62 -4.68 4.53
HG22 DVA A 8 3.77 -3.45 3.95
HG23 DVA A 8 2.19 -2.96 4.60
N DAL A 1 1.15 -0.94 2.38
CA DAL A 1 0.66 0.32 2.96
CB DAL A 1 -0.77 0.14 3.46
C DAL A 1 0.71 1.40 1.91
O DAL A 1 -0.14 1.43 1.01
H1 DAL A 1 0.50 -1.53 1.91
HA DAL A 1 1.32 0.60 3.80
HB1 DAL A 1 -0.99 -0.92 3.54
HB2 DAL A 1 -0.87 0.61 4.44
HB3 DAL A 1 -1.46 0.60 2.76
N DPR A 2 1.68 2.29 2.01
CA DPR A 2 1.83 3.40 1.05
CB DPR A 2 3.22 3.96 1.25
CG DPR A 2 3.39 3.79 2.80
CD DPR A 2 2.76 2.39 3.03
C DPR A 2 0.76 4.44 1.31
O DPR A 2 0.78 5.12 2.32
HA DPR A 2 1.75 3.01 0.03
HB2 DPR A 2 3.97 3.37 0.72
HB3 DPR A 2 3.28 5.01 0.97
HG2 DPR A 2 4.44 3.80 3.08
HG3 DPR A 2 2.83 4.56 3.32
HD2 DPR A 2 2.35 2.33 4.03
HD3 DPR A 2 3.50 1.61 2.86
N MLU A 3 -0.17 4.56 0.36
CN MLU A 3 -1.30 5.49 0.35
CA MLU A 3 -0.15 3.72 -0.85
C MLU A 3 -1.55 3.25 -1.16
O MLU A 3 -2.05 3.45 -2.27
CB MLU A 3 0.38 4.54 -2.03
CG MLU A 3 1.83 4.95 -1.75
CD1 MLU A 3 2.76 3.80 -2.15
CD2 MLU A 3 2.18 6.19 -2.59
HCN1 MLU A 3 -1.03 6.41 0.85
HCN2 MLU A 3 -1.59 5.70 -0.68
HCN3 MLU A 3 -2.15 5.02 0.86
HA MLU A 3 0.50 2.86 -0.69
HB2 MLU A 3 0.33 3.95 -2.94
HB3 MLU A 3 -0.23 5.45 -2.14
HG MLU A 3 1.95 5.18 -0.69
HD11 MLU A 3 3.14 3.96 -3.14
HD12 MLU A 3 3.60 3.75 -1.43
HD13 MLU A 3 2.20 2.86 -2.11
HD21 MLU A 3 3.18 6.53 -2.32
HD22 MLU A 3 2.15 5.93 -3.64
HD23 MLU A 3 1.46 6.98 -2.39
N DVA A 4 -2.19 2.64 -0.16
CA DVA A 4 -3.56 2.14 -0.32
CB DVA A 4 -4.38 2.46 0.91
CG1 DVA A 4 -4.50 3.99 1.06
CG2 DVA A 4 -5.77 1.84 0.79
C DVA A 4 -3.53 0.65 -0.53
O DVA A 4 -4.19 0.12 -1.41
H DVA A 4 -1.74 2.53 0.70
HA DVA A 4 -4.02 2.61 -1.20
HB DVA A 4 -3.88 2.06 1.79
HG11 DVA A 4 -5.52 4.24 1.37
HG12 DVA A 4 -3.80 4.34 1.82
HG13 DVA A 4 -4.29 4.46 0.11
HG21 DVA A 4 -5.73 0.80 1.06
HG22 DVA A 4 -6.46 2.36 1.46
HG23 DVA A 4 -6.12 1.94 -0.24
N DAL A 5 -2.74 -0.04 0.30
CA DAL A 5 -2.62 -1.51 0.21
CB DAL A 5 -2.37 -2.07 1.61
C DAL A 5 -1.46 -1.85 -0.69
O DAL A 5 -0.30 -1.69 -0.31
H DAL A 5 -2.23 0.45 0.99
HA DAL A 5 -3.54 -1.92 -0.20
HB1 DAL A 5 -2.67 -1.35 2.36
HB2 DAL A 5 -2.96 -2.99 1.73
HB3 DAL A 5 -1.32 -2.30 1.72
N DPR A 6 -1.77 -2.34 -1.88
CA DPR A 6 -0.73 -2.72 -2.85
CB DPR A 6 -1.42 -2.85 -4.20
CG DPR A 6 -2.80 -3.43 -3.75
CD DPR A 6 -3.10 -2.59 -2.49
C DPR A 6 -0.08 -4.01 -2.43
O DPR A 6 -0.71 -5.07 -2.46
HA DPR A 6 0.02 -1.94 -2.92
HB2 DPR A 6 -1.56 -1.88 -4.67
HB3 DPR A 6 -0.91 -3.54 -4.86
HG2 DPR A 6 -3.56 -3.26 -4.52
HG3 DPR A 6 -2.71 -4.49 -3.52
HD2 DPR A 6 -3.72 -3.17 -1.80
HD3 DPR A 6 -3.58 -1.65 -2.75
N MLU A 7 1.18 -3.93 -2.03
CN MLU A 7 2.05 -5.02 -1.57
CA MLU A 7 1.90 -2.65 -2.01
C MLU A 7 2.71 -2.54 -0.75
O MLU A 7 3.92 -2.29 -0.78
CB MLU A 7 2.84 -2.57 -3.22
CG MLU A 7 2.01 -2.58 -4.51
CD1 MLU A 7 1.51 -1.16 -4.80
CD2 MLU A 7 2.88 -3.06 -5.67
HCN1 MLU A 7 1.77 -5.95 -2.09
HCN2 MLU A 7 3.09 -4.78 -1.77
HCN3 MLU A 7 1.92 -5.16 -0.50
HA MLU A 7 1.18 -1.83 -2.05
HB2 MLU A 7 3.42 -1.65 -3.17
HB3 MLU A 7 3.52 -3.43 -3.22
HG MLU A 7 1.16 -3.25 -4.39
HD11 MLU A 7 2.17 -0.67 -5.50
HD12 MLU A 7 0.50 -1.21 -5.23
HD13 MLU A 7 1.48 -0.59 -3.87
HD21 MLU A 7 2.25 -3.17 -6.57
HD22 MLU A 7 3.66 -2.34 -5.86
HD23 MLU A 7 3.32 -4.02 -5.42
N DVA A 8 2.05 -2.74 0.39
CA DVA A 8 2.73 -2.67 1.69
CB DVA A 8 2.21 -3.79 2.60
CG1 DVA A 8 2.59 -5.15 2.00
CG2 DVA A 8 2.83 -3.66 3.99
C DVA A 8 2.44 -1.34 2.33
O DVA A 8 3.34 -0.68 2.86
H DVA A 8 1.09 -2.93 0.35
HA DVA A 8 3.80 -2.78 1.56
HB DVA A 8 1.12 -3.72 2.68
HG11 DVA A 8 2.94 -5.81 2.79
HG12 DVA A 8 1.73 -5.59 1.51
HG13 DVA A 8 3.38 -5.01 1.26
HG21 DVA A 8 2.27 -2.91 4.56
HG22 DVA A 8 2.80 -4.61 4.50
HG23 DVA A 8 3.87 -3.33 3.89
#